data_9KO5
#
_entry.id   9KO5
#
_cell.length_a   69.611
_cell.length_b   76.394
_cell.length_c   87.227
_cell.angle_alpha   90.00
_cell.angle_beta   105.56
_cell.angle_gamma   90.00
#
_symmetry.space_group_name_H-M   'P 1 21 1'
#
loop_
_entity.id
_entity.type
_entity.pdbx_description
1 polymer Methyltransferase
2 non-polymer "5'-DEOXY-5'-METHYLTHIOADENOSINE"
3 water water
#
_entity_poly.entity_id   1
_entity_poly.type   'polypeptide(L)'
_entity_poly.pdbx_seq_one_letter_code
;GPQPKKVGAIVPTSSITAKKMASVINPHSGLPVLELGPGTGVITKAILARGIKPESLTAIEYSTDFYNQLLRSYPGVNFV
NGDAFDLDATLGEHKGQMFDSVISAVPMLNFPMAARIKLLDELLKRVPHGRPVVQISYGPISPIVAQPHLYHIRHFDFIV
RNIPPAQLWTYTRA
;
_entity_poly.pdbx_strand_id   A,B,C,D
#
# COMPACT_ATOMS: atom_id res chain seq x y z
N PRO A 2 -19.88 -3.43 9.41
CA PRO A 2 -19.66 -4.87 9.24
C PRO A 2 -18.61 -5.17 8.15
N GLN A 3 -18.18 -6.43 8.05
CA GLN A 3 -16.99 -6.80 7.28
C GLN A 3 -17.37 -7.16 5.85
N PRO A 4 -16.86 -6.45 4.85
CA PRO A 4 -17.17 -6.79 3.45
C PRO A 4 -16.42 -8.03 2.96
N LYS A 5 -17.12 -8.80 2.13
CA LYS A 5 -16.55 -9.95 1.43
C LYS A 5 -16.04 -9.53 0.06
N LYS A 6 -15.30 -10.44 -0.58
CA LYS A 6 -14.77 -10.22 -1.93
C LYS A 6 -13.96 -8.93 -2.01
N VAL A 7 -13.16 -8.66 -0.95
CA VAL A 7 -12.26 -7.49 -0.93
C VAL A 7 -11.30 -7.53 -2.12
N GLY A 8 -10.79 -6.35 -2.48
CA GLY A 8 -9.85 -6.22 -3.59
C GLY A 8 -10.52 -6.39 -4.94
N ALA A 9 -9.75 -6.89 -5.91
CA ALA A 9 -10.22 -7.15 -7.27
C ALA A 9 -10.24 -8.67 -7.47
N ILE A 10 -11.34 -9.31 -7.08
CA ILE A 10 -11.43 -10.75 -7.23
C ILE A 10 -12.71 -11.13 -7.96
N VAL A 11 -13.44 -10.14 -8.48
CA VAL A 11 -14.59 -10.43 -9.33
C VAL A 11 -14.25 -10.00 -10.75
N PRO A 12 -14.88 -10.57 -11.78
CA PRO A 12 -14.50 -10.22 -13.16
C PRO A 12 -14.70 -8.74 -13.47
N THR A 13 -13.87 -8.26 -14.38
CA THR A 13 -13.94 -6.86 -14.82
C THR A 13 -15.29 -6.55 -15.45
N SER A 14 -15.80 -5.35 -15.18
CA SER A 14 -17.09 -4.95 -15.69
C SER A 14 -17.09 -4.88 -17.22
N SER A 15 -18.26 -5.15 -17.81
CA SER A 15 -18.38 -5.11 -19.27
C SER A 15 -18.21 -3.69 -19.82
N ILE A 16 -18.47 -2.66 -18.99
CA ILE A 16 -18.20 -1.29 -19.38
C ILE A 16 -16.71 -1.03 -19.47
N THR A 17 -15.95 -1.48 -18.46
CA THR A 17 -14.50 -1.38 -18.53
C THR A 17 -13.95 -2.14 -19.73
N ALA A 18 -14.45 -3.35 -19.97
CA ALA A 18 -13.94 -4.18 -21.05
C ALA A 18 -14.13 -3.49 -22.39
N LYS A 19 -15.30 -2.89 -22.59
CA LYS A 19 -15.58 -2.21 -23.85
C LYS A 19 -14.64 -1.03 -24.07
N LYS A 20 -14.36 -0.24 -23.03
CA LYS A 20 -13.43 0.86 -23.22
C LYS A 20 -12.01 0.37 -23.53
N MET A 21 -11.55 -0.68 -22.84
CA MET A 21 -10.23 -1.23 -23.15
C MET A 21 -10.15 -1.65 -24.61
N ALA A 22 -11.20 -2.29 -25.13
CA ALA A 22 -11.16 -2.79 -26.51
C ALA A 22 -11.40 -1.69 -27.53
N SER A 23 -11.78 -0.49 -27.08
CA SER A 23 -12.03 0.59 -28.04
C SER A 23 -10.73 1.12 -28.65
N VAL A 24 -9.57 0.85 -28.04
CA VAL A 24 -8.32 1.31 -28.65
C VAL A 24 -8.02 0.58 -29.95
N ILE A 25 -8.66 -0.58 -30.20
CA ILE A 25 -8.29 -1.41 -31.34
C ILE A 25 -8.73 -0.75 -32.65
N ASN A 26 -7.90 -0.91 -33.69
CA ASN A 26 -8.30 -0.61 -35.07
C ASN A 26 -8.59 -1.92 -35.78
N PRO A 27 -9.86 -2.32 -35.93
CA PRO A 27 -10.15 -3.60 -36.59
C PRO A 27 -9.93 -3.59 -38.09
N HIS A 28 -9.49 -2.46 -38.65
CA HIS A 28 -9.27 -2.35 -40.09
C HIS A 28 -7.80 -2.25 -40.46
N SER A 29 -6.89 -2.49 -39.49
CA SER A 29 -5.46 -2.41 -39.78
C SER A 29 -4.90 -3.67 -40.42
N GLY A 30 -5.66 -4.76 -40.43
CA GLY A 30 -5.12 -6.01 -40.94
C GLY A 30 -4.15 -6.69 -40.00
N LEU A 31 -3.88 -6.12 -38.78
CA LEU A 31 -2.95 -6.72 -37.82
C LEU A 31 -3.71 -7.41 -36.69
N PRO A 32 -3.16 -8.50 -36.16
CA PRO A 32 -3.82 -9.22 -35.07
C PRO A 32 -3.76 -8.43 -33.77
N VAL A 33 -4.54 -8.89 -32.78
CA VAL A 33 -4.59 -8.28 -31.46
C VAL A 33 -3.99 -9.24 -30.45
N LEU A 34 -3.30 -8.69 -29.44
CA LEU A 34 -2.70 -9.45 -28.34
C LEU A 34 -3.43 -9.10 -27.04
N GLU A 35 -3.96 -10.12 -26.35
CA GLU A 35 -4.60 -9.95 -25.05
C GLU A 35 -3.77 -10.69 -24.00
N LEU A 36 -3.56 -10.07 -22.84
CA LEU A 36 -2.84 -10.68 -21.72
C LEU A 36 -3.79 -10.89 -20.56
N GLY A 37 -3.84 -12.12 -20.04
CA GLY A 37 -4.65 -12.47 -18.89
C GLY A 37 -6.15 -12.52 -19.13
N PRO A 38 -6.61 -13.32 -20.09
CA PRO A 38 -8.05 -13.29 -20.43
C PRO A 38 -8.99 -13.82 -19.34
N GLY A 39 -8.53 -14.71 -18.46
CA GLY A 39 -9.37 -15.08 -17.31
C GLY A 39 -10.68 -15.73 -17.75
N THR A 40 -11.81 -15.13 -17.35
CA THR A 40 -13.11 -15.67 -17.73
C THR A 40 -13.55 -15.26 -19.14
N GLY A 41 -12.85 -14.33 -19.78
CA GLY A 41 -13.16 -14.00 -21.15
C GLY A 41 -13.97 -12.75 -21.38
N VAL A 42 -14.16 -11.92 -20.35
CA VAL A 42 -14.99 -10.73 -20.51
C VAL A 42 -14.34 -9.72 -21.46
N ILE A 43 -13.01 -9.58 -21.42
CA ILE A 43 -12.35 -8.69 -22.36
C ILE A 43 -12.25 -9.36 -23.73
N THR A 44 -11.97 -10.66 -23.76
CA THR A 44 -11.99 -11.43 -25.00
C THR A 44 -13.27 -11.16 -25.79
N LYS A 45 -14.41 -11.27 -25.11
CA LYS A 45 -15.70 -11.00 -25.74
C LYS A 45 -15.75 -9.59 -26.34
N ALA A 46 -15.32 -8.58 -25.58
CA ALA A 46 -15.33 -7.21 -26.07
C ALA A 46 -14.41 -7.04 -27.28
N ILE A 47 -13.28 -7.75 -27.29
CA ILE A 47 -12.37 -7.67 -28.44
C ILE A 47 -13.06 -8.25 -29.67
N LEU A 48 -13.65 -9.42 -29.54
CA LEU A 48 -14.36 -10.03 -30.66
C LEU A 48 -15.54 -9.17 -31.12
N ALA A 49 -16.17 -8.43 -30.20
CA ALA A 49 -17.28 -7.56 -30.60
C ALA A 49 -16.83 -6.42 -31.52
N ARG A 50 -15.53 -6.12 -31.58
CA ARG A 50 -15.05 -5.13 -32.54
C ARG A 50 -14.99 -5.67 -33.96
N GLY A 51 -15.25 -6.96 -34.17
CA GLY A 51 -15.11 -7.54 -35.49
C GLY A 51 -13.74 -8.12 -35.79
N ILE A 52 -12.90 -8.32 -34.78
CA ILE A 52 -11.65 -9.03 -34.94
C ILE A 52 -11.94 -10.51 -35.21
N LYS A 53 -11.41 -11.03 -36.32
CA LYS A 53 -11.54 -12.47 -36.58
C LYS A 53 -10.97 -13.26 -35.40
N PRO A 54 -11.61 -14.34 -34.99
CA PRO A 54 -11.11 -15.06 -33.81
C PRO A 54 -9.68 -15.53 -33.96
N GLU A 55 -9.29 -15.94 -35.18
CA GLU A 55 -7.94 -16.43 -35.41
C GLU A 55 -6.90 -15.32 -35.35
N SER A 56 -7.31 -14.05 -35.43
CA SER A 56 -6.42 -12.92 -35.30
C SER A 56 -6.36 -12.37 -33.88
N LEU A 57 -6.90 -13.10 -32.90
CA LEU A 57 -6.73 -12.75 -31.49
C LEU A 57 -5.84 -13.80 -30.85
N THR A 58 -4.70 -13.36 -30.32
CA THR A 58 -3.85 -14.19 -29.48
C THR A 58 -3.99 -13.73 -28.04
N ALA A 59 -4.24 -14.67 -27.13
CA ALA A 59 -4.49 -14.35 -25.72
C ALA A 59 -3.70 -15.31 -24.84
N ILE A 60 -2.88 -14.74 -23.95
CA ILE A 60 -1.91 -15.50 -23.15
C ILE A 60 -2.43 -15.60 -21.73
N GLU A 61 -2.64 -16.83 -21.26
CA GLU A 61 -3.27 -17.09 -19.97
C GLU A 61 -2.43 -18.08 -19.18
N TYR A 62 -2.00 -17.69 -17.98
CA TYR A 62 -1.14 -18.58 -17.20
C TYR A 62 -1.94 -19.75 -16.60
N SER A 63 -3.17 -19.51 -16.14
CA SER A 63 -3.93 -20.56 -15.46
C SER A 63 -4.37 -21.61 -16.47
N THR A 64 -3.96 -22.86 -16.25
CA THR A 64 -4.36 -23.94 -17.13
C THR A 64 -5.86 -24.23 -17.04
N ASP A 65 -6.45 -24.06 -15.86
CA ASP A 65 -7.90 -24.23 -15.74
C ASP A 65 -8.65 -23.18 -16.56
N PHE A 66 -8.30 -21.91 -16.38
CA PHE A 66 -8.92 -20.87 -17.21
C PHE A 66 -8.70 -21.14 -18.69
N TYR A 67 -7.48 -21.56 -19.05
CA TYR A 67 -7.12 -21.80 -20.45
C TYR A 67 -7.99 -22.89 -21.07
N ASN A 68 -8.20 -23.99 -20.35
CA ASN A 68 -9.02 -25.09 -20.86
C ASN A 68 -10.45 -24.64 -21.09
N GLN A 69 -10.99 -23.83 -20.18
CA GLN A 69 -12.35 -23.32 -20.34
C GLN A 69 -12.45 -22.34 -21.51
N LEU A 70 -11.44 -21.47 -21.67
CA LEU A 70 -11.42 -20.51 -22.78
C LEU A 70 -11.44 -21.20 -24.14
N LEU A 71 -10.69 -22.29 -24.28
CA LEU A 71 -10.69 -23.01 -25.55
C LEU A 71 -12.09 -23.48 -25.92
N ARG A 72 -12.87 -23.93 -24.92
CA ARG A 72 -14.22 -24.42 -25.14
C ARG A 72 -15.23 -23.29 -25.33
N SER A 73 -14.98 -22.12 -24.72
CA SER A 73 -15.94 -21.01 -24.77
C SER A 73 -15.77 -20.12 -25.98
N TYR A 74 -14.55 -20.01 -26.53
CA TYR A 74 -14.26 -19.11 -27.65
C TYR A 74 -13.55 -19.87 -28.76
N PRO A 75 -14.29 -20.68 -29.51
CA PRO A 75 -13.68 -21.43 -30.63
C PRO A 75 -12.94 -20.51 -31.60
N GLY A 76 -11.76 -20.94 -32.01
CA GLY A 76 -11.01 -20.25 -33.03
C GLY A 76 -10.01 -19.23 -32.53
N VAL A 77 -10.17 -18.74 -31.30
CA VAL A 77 -9.22 -17.79 -30.73
C VAL A 77 -7.92 -18.51 -30.41
N ASN A 78 -6.79 -17.84 -30.67
CA ASN A 78 -5.47 -18.42 -30.46
C ASN A 78 -5.03 -18.19 -29.01
N PHE A 79 -5.53 -19.04 -28.12
CA PHE A 79 -5.14 -19.01 -26.71
C PHE A 79 -3.80 -19.70 -26.52
N VAL A 80 -2.97 -19.14 -25.64
CA VAL A 80 -1.66 -19.69 -25.32
C VAL A 80 -1.62 -19.83 -23.81
N ASN A 81 -1.23 -21.02 -23.33
CA ASN A 81 -1.12 -21.30 -21.90
C ASN A 81 0.32 -21.05 -21.47
N GLY A 82 0.56 -19.93 -20.79
CA GLY A 82 1.92 -19.58 -20.43
C GLY A 82 2.00 -18.20 -19.80
N ASP A 83 3.23 -17.77 -19.58
CA ASP A 83 3.53 -16.55 -18.83
C ASP A 83 3.76 -15.38 -19.77
N ALA A 84 2.93 -14.33 -19.64
CA ALA A 84 3.05 -13.15 -20.50
C ALA A 84 4.36 -12.41 -20.33
N PHE A 85 5.02 -12.52 -19.17
CA PHE A 85 6.33 -11.90 -19.01
C PHE A 85 7.43 -12.63 -19.78
N ASP A 86 7.15 -13.82 -20.30
CA ASP A 86 8.10 -14.57 -21.12
C ASP A 86 7.56 -14.66 -22.54
N LEU A 87 7.70 -13.56 -23.29
CA LEU A 87 7.14 -13.51 -24.64
C LEU A 87 7.85 -14.47 -25.59
N ASP A 88 9.16 -14.67 -25.41
CA ASP A 88 9.86 -15.63 -26.26
C ASP A 88 9.27 -17.04 -26.12
N ALA A 89 8.88 -17.43 -24.90
CA ALA A 89 8.33 -18.78 -24.73
C ALA A 89 6.88 -18.88 -25.19
N THR A 90 6.10 -17.80 -25.07
CA THR A 90 4.70 -17.89 -25.43
C THR A 90 4.44 -17.48 -26.88
N LEU A 91 5.12 -16.45 -27.38
CA LEU A 91 4.92 -15.99 -28.74
C LEU A 91 6.01 -16.45 -29.69
N GLY A 92 7.12 -16.96 -29.17
CA GLY A 92 8.29 -17.19 -29.99
C GLY A 92 9.19 -15.97 -30.04
N GLU A 93 10.46 -16.22 -30.34
CA GLU A 93 11.42 -15.14 -30.57
C GLU A 93 10.85 -14.17 -31.62
N HIS A 94 11.07 -12.87 -31.42
CA HIS A 94 10.46 -11.90 -32.32
C HIS A 94 11.12 -11.98 -33.68
N LYS A 95 10.33 -12.21 -34.72
CA LYS A 95 10.84 -12.28 -36.08
C LYS A 95 10.04 -11.40 -37.04
N GLY A 96 9.28 -10.44 -36.52
CA GLY A 96 8.56 -9.53 -37.39
C GLY A 96 7.07 -9.41 -37.13
N GLN A 97 6.50 -10.32 -36.35
CA GLN A 97 5.06 -10.26 -36.06
C GLN A 97 4.71 -8.97 -35.37
N MET A 98 3.74 -8.24 -35.93
CA MET A 98 3.27 -6.97 -35.38
C MET A 98 1.79 -7.09 -35.01
N PHE A 99 1.46 -6.65 -33.81
CA PHE A 99 0.09 -6.62 -33.33
C PHE A 99 -0.46 -5.20 -33.44
N ASP A 100 -1.76 -5.11 -33.71
CA ASP A 100 -2.43 -3.82 -33.75
C ASP A 100 -2.30 -3.06 -32.43
N SER A 101 -2.46 -3.76 -31.32
CA SER A 101 -2.48 -3.18 -29.98
C SER A 101 -2.42 -4.35 -29.02
N VAL A 102 -2.09 -4.04 -27.77
CA VAL A 102 -2.03 -5.02 -26.69
C VAL A 102 -3.04 -4.61 -25.63
N ILE A 103 -3.88 -5.55 -25.21
CA ILE A 103 -4.91 -5.33 -24.19
C ILE A 103 -4.50 -6.13 -22.97
N SER A 104 -4.17 -5.47 -21.86
CA SER A 104 -3.52 -6.14 -20.73
C SER A 104 -4.36 -6.01 -19.46
N ALA A 105 -4.76 -7.16 -18.92
CA ALA A 105 -5.33 -7.23 -17.58
C ALA A 105 -4.50 -8.09 -16.63
N VAL A 106 -3.21 -8.31 -16.92
CA VAL A 106 -2.40 -9.05 -15.95
C VAL A 106 -2.26 -8.17 -14.70
N PRO A 107 -2.23 -8.79 -13.51
CA PRO A 107 -2.15 -8.01 -12.26
C PRO A 107 -0.74 -7.47 -12.03
N MET A 108 -0.49 -6.27 -12.56
CA MET A 108 0.87 -5.71 -12.58
C MET A 108 1.47 -5.67 -11.19
N LEU A 109 0.64 -5.38 -10.18
CA LEU A 109 1.20 -5.18 -8.85
C LEU A 109 1.66 -6.47 -8.19
N ASN A 110 1.32 -7.64 -8.74
CA ASN A 110 1.90 -8.90 -8.28
C ASN A 110 3.37 -9.09 -8.68
N PHE A 111 3.94 -8.17 -9.44
CA PHE A 111 5.28 -8.34 -9.99
C PHE A 111 6.14 -7.12 -9.62
N PRO A 112 7.46 -7.30 -9.49
CA PRO A 112 8.32 -6.14 -9.19
C PRO A 112 8.26 -5.12 -10.30
N MET A 113 8.43 -3.85 -9.93
CA MET A 113 8.41 -2.75 -10.88
C MET A 113 9.35 -3.02 -12.06
N ALA A 114 10.54 -3.54 -11.79
CA ALA A 114 11.52 -3.77 -12.85
C ALA A 114 10.98 -4.74 -13.91
N ALA A 115 10.30 -5.80 -13.49
CA ALA A 115 9.67 -6.71 -14.44
C ALA A 115 8.59 -6.03 -15.28
N ARG A 116 7.79 -5.15 -14.66
CA ARG A 116 6.74 -4.46 -15.42
C ARG A 116 7.33 -3.57 -16.49
N ILE A 117 8.38 -2.82 -16.14
CA ILE A 117 9.05 -1.95 -17.10
C ILE A 117 9.59 -2.77 -18.26
N LYS A 118 10.30 -3.85 -17.94
CA LYS A 118 10.88 -4.70 -18.98
C LYS A 118 9.80 -5.29 -19.89
N LEU A 119 8.69 -5.78 -19.31
CA LEU A 119 7.62 -6.34 -20.14
C LEU A 119 7.08 -5.28 -21.09
N LEU A 120 6.81 -4.07 -20.57
CA LEU A 120 6.26 -3.01 -21.41
C LEU A 120 7.19 -2.66 -22.55
N ASP A 121 8.50 -2.58 -22.27
CA ASP A 121 9.49 -2.30 -23.29
C ASP A 121 9.51 -3.39 -24.37
N GLU A 122 9.32 -4.65 -23.97
CA GLU A 122 9.26 -5.75 -24.94
C GLU A 122 7.97 -5.75 -25.74
N LEU A 123 6.82 -5.49 -25.10
CA LEU A 123 5.56 -5.44 -25.85
C LEU A 123 5.60 -4.36 -26.92
N LEU A 124 6.15 -3.20 -26.57
CA LEU A 124 6.19 -2.09 -27.51
C LEU A 124 7.09 -2.37 -28.71
N LYS A 125 7.98 -3.37 -28.61
CA LYS A 125 8.72 -3.80 -29.79
C LYS A 125 7.83 -4.52 -30.81
N ARG A 126 6.68 -5.05 -30.37
CA ARG A 126 5.85 -5.90 -31.20
C ARG A 126 4.56 -5.23 -31.66
N VAL A 127 4.49 -3.90 -31.55
CA VAL A 127 3.40 -3.15 -32.15
C VAL A 127 4.06 -2.04 -32.97
N PRO A 128 3.42 -1.55 -34.02
CA PRO A 128 4.00 -0.46 -34.79
C PRO A 128 4.22 0.76 -33.93
N HIS A 129 5.27 1.51 -34.26
CA HIS A 129 5.61 2.74 -33.55
C HIS A 129 4.39 3.65 -33.47
N GLY A 130 3.97 4.00 -32.24
CA GLY A 130 2.83 4.86 -32.01
C GLY A 130 1.55 4.16 -31.59
N ARG A 131 1.48 2.84 -31.73
CA ARG A 131 0.32 2.07 -31.30
C ARG A 131 0.43 1.72 -29.82
N PRO A 132 -0.71 1.41 -29.15
CA PRO A 132 -0.70 1.35 -27.68
C PRO A 132 -0.71 -0.03 -27.02
N VAL A 133 -0.18 -0.05 -25.80
CA VAL A 133 -0.53 -1.04 -24.79
C VAL A 133 -1.53 -0.37 -23.85
N VAL A 134 -2.67 -1.01 -23.60
CA VAL A 134 -3.62 -0.51 -22.60
C VAL A 134 -3.64 -1.47 -21.43
N GLN A 135 -3.64 -0.92 -20.22
CA GLN A 135 -3.52 -1.69 -18.98
C GLN A 135 -4.55 -1.20 -17.98
N ILE A 136 -5.17 -2.14 -17.27
CA ILE A 136 -6.11 -1.84 -16.18
C ILE A 136 -5.36 -1.89 -14.86
N SER A 137 -5.67 -0.96 -13.96
CA SER A 137 -5.17 -1.00 -12.59
C SER A 137 -6.17 -0.30 -11.69
N TYR A 138 -5.82 -0.15 -10.40
CA TYR A 138 -6.79 0.30 -9.39
C TYR A 138 -6.27 1.42 -8.49
N GLY A 139 -4.97 1.64 -8.42
CA GLY A 139 -4.44 2.72 -7.62
C GLY A 139 -4.66 4.10 -8.23
N PRO A 140 -4.11 5.12 -7.58
CA PRO A 140 -4.20 6.48 -8.12
C PRO A 140 -3.12 6.82 -9.14
N ILE A 141 -2.06 6.01 -9.25
CA ILE A 141 -0.99 6.29 -10.19
C ILE A 141 -0.83 5.10 -11.14
N SER A 142 -0.10 5.35 -12.22
CA SER A 142 0.18 4.32 -13.22
C SER A 142 0.86 3.12 -12.55
N PRO A 143 0.42 1.90 -12.84
CA PRO A 143 1.11 0.72 -12.29
C PRO A 143 2.54 0.57 -12.81
N ILE A 144 2.92 1.31 -13.84
CA ILE A 144 4.28 1.27 -14.37
C ILE A 144 4.82 2.68 -14.34
N VAL A 145 5.97 2.85 -13.69
CA VAL A 145 6.50 4.19 -13.44
C VAL A 145 7.05 4.79 -14.73
N ALA A 146 7.05 6.12 -14.81
CA ALA A 146 7.51 6.82 -16.01
C ALA A 146 8.99 6.51 -16.30
N GLN A 147 9.28 6.17 -17.56
CA GLN A 147 10.64 6.11 -18.10
C GLN A 147 10.55 6.80 -19.46
N PRO A 148 10.65 8.14 -19.49
CA PRO A 148 10.27 8.87 -20.71
C PRO A 148 11.16 8.61 -21.92
N HIS A 149 12.37 8.09 -21.75
CA HIS A 149 13.18 7.72 -22.89
C HIS A 149 12.76 6.40 -23.52
N LEU A 150 11.84 5.67 -22.89
CA LEU A 150 11.35 4.38 -23.35
C LEU A 150 9.91 4.39 -23.83
N TYR A 151 9.00 5.09 -23.13
CA TYR A 151 7.60 5.10 -23.50
C TYR A 151 6.95 6.36 -22.92
N HIS A 152 5.77 6.70 -23.42
CA HIS A 152 4.96 7.79 -22.90
C HIS A 152 3.72 7.23 -22.25
N ILE A 153 3.38 7.72 -21.05
CA ILE A 153 2.22 7.28 -20.28
C ILE A 153 1.09 8.27 -20.47
N ARG A 154 -0.11 7.78 -20.82
CA ARG A 154 -1.30 8.62 -20.83
C ARG A 154 -2.40 7.99 -20.01
N HIS A 155 -3.07 8.80 -19.18
CA HIS A 155 -4.29 8.35 -18.54
C HIS A 155 -5.40 8.25 -19.59
N PHE A 156 -6.07 7.10 -19.64
CA PHE A 156 -7.03 6.80 -20.70
C PHE A 156 -8.47 6.93 -20.23
N ASP A 157 -8.83 6.36 -19.08
CA ASP A 157 -10.20 6.50 -18.59
C ASP A 157 -10.30 6.04 -17.15
N PHE A 158 -11.46 6.32 -16.55
CA PHE A 158 -11.81 5.96 -15.17
C PHE A 158 -13.24 5.46 -15.15
N ILE A 159 -13.48 4.28 -14.57
CA ILE A 159 -14.78 3.62 -14.60
C ILE A 159 -15.19 3.33 -13.16
N VAL A 160 -16.06 4.18 -12.61
CA VAL A 160 -16.39 4.10 -11.20
C VAL A 160 -17.30 2.92 -10.90
N ARG A 161 -18.01 2.39 -11.90
CA ARG A 161 -18.90 1.24 -11.66
C ARG A 161 -18.17 -0.11 -11.70
N ASN A 162 -16.91 -0.13 -12.07
CA ASN A 162 -16.10 -1.33 -11.88
C ASN A 162 -15.92 -1.61 -10.39
N ILE A 163 -15.78 -2.89 -10.04
CA ILE A 163 -15.55 -3.32 -8.67
C ILE A 163 -14.14 -3.91 -8.59
N PRO A 164 -13.17 -3.20 -7.98
CA PRO A 164 -13.27 -1.81 -7.52
C PRO A 164 -13.11 -0.87 -8.71
N PRO A 165 -13.27 0.44 -8.51
CA PRO A 165 -13.20 1.37 -9.64
C PRO A 165 -11.88 1.23 -10.39
N ALA A 166 -11.95 1.31 -11.71
CA ALA A 166 -10.86 0.92 -12.58
C ALA A 166 -10.23 2.14 -13.25
N GLN A 167 -8.91 2.19 -13.24
CA GLN A 167 -8.13 3.13 -14.03
C GLN A 167 -7.58 2.42 -15.26
N LEU A 168 -7.68 3.06 -16.41
CA LEU A 168 -7.07 2.56 -17.63
C LEU A 168 -5.96 3.50 -18.04
N TRP A 169 -4.80 2.93 -18.36
CA TRP A 169 -3.64 3.68 -18.81
C TRP A 169 -3.19 3.17 -20.16
N THR A 170 -2.69 4.06 -21.02
CA THR A 170 -2.12 3.64 -22.30
C THR A 170 -0.64 4.02 -22.36
N TYR A 171 0.12 3.21 -23.08
CA TYR A 171 1.56 3.39 -23.21
C TYR A 171 1.93 3.25 -24.68
N THR A 172 2.74 4.19 -25.17
CA THR A 172 3.23 4.18 -26.54
C THR A 172 4.74 4.41 -26.53
N ARG A 173 5.39 3.98 -27.61
CA ARG A 173 6.85 4.11 -27.68
C ARG A 173 7.28 5.58 -27.70
N ALA A 174 8.34 5.89 -26.97
CA ALA A 174 8.89 7.26 -26.96
C ALA A 174 9.88 7.49 -28.11
N VAL B 11 -9.98 -32.52 -2.38
CA VAL B 11 -9.92 -33.37 -1.19
C VAL B 11 -9.05 -32.71 -0.11
N PRO B 12 -9.56 -32.67 1.12
CA PRO B 12 -8.90 -31.87 2.15
C PRO B 12 -7.57 -32.46 2.59
N THR B 13 -6.65 -31.57 2.93
CA THR B 13 -5.37 -31.96 3.51
C THR B 13 -5.59 -32.82 4.74
N SER B 14 -4.73 -33.81 4.93
CA SER B 14 -4.96 -34.76 6.01
C SER B 14 -4.60 -34.13 7.36
N SER B 15 -5.17 -34.69 8.43
CA SER B 15 -4.91 -34.13 9.76
C SER B 15 -3.44 -34.29 10.16
N ILE B 16 -2.76 -35.30 9.64
CA ILE B 16 -1.33 -35.48 9.90
C ILE B 16 -0.53 -34.33 9.33
N THR B 17 -0.79 -33.97 8.06
CA THR B 17 -0.10 -32.88 7.42
C THR B 17 -0.37 -31.57 8.13
N ALA B 18 -1.64 -31.32 8.48
CA ALA B 18 -2.01 -30.08 9.16
C ALA B 18 -1.28 -29.93 10.48
N LYS B 19 -1.21 -31.01 11.26
CA LYS B 19 -0.49 -30.95 12.53
C LYS B 19 0.98 -30.61 12.32
N LYS B 20 1.63 -31.23 11.32
CA LYS B 20 3.01 -30.87 11.03
C LYS B 20 3.15 -29.39 10.66
N MET B 21 2.26 -28.87 9.81
CA MET B 21 2.37 -27.46 9.43
C MET B 21 2.20 -26.53 10.63
N ALA B 22 1.25 -26.84 11.52
CA ALA B 22 1.04 -25.99 12.70
C ALA B 22 2.11 -26.16 13.77
N SER B 23 2.98 -27.16 13.64
CA SER B 23 3.96 -27.38 14.70
C SER B 23 5.02 -26.29 14.79
N VAL B 24 5.15 -25.42 13.78
CA VAL B 24 6.17 -24.38 13.82
C VAL B 24 5.78 -23.21 14.69
N ILE B 25 4.50 -23.11 15.08
CA ILE B 25 3.99 -21.92 15.75
C ILE B 25 4.49 -21.87 17.18
N ASN B 26 4.82 -20.66 17.65
CA ASN B 26 5.17 -20.41 19.05
C ASN B 26 3.99 -19.71 19.72
N PRO B 27 3.19 -20.40 20.52
CA PRO B 27 2.00 -19.75 21.09
C PRO B 27 2.30 -18.74 22.19
N HIS B 28 3.54 -18.58 22.62
CA HIS B 28 3.85 -17.69 23.74
C HIS B 28 4.48 -16.37 23.32
N SER B 29 4.53 -16.07 22.02
CA SER B 29 5.23 -14.88 21.55
C SER B 29 4.40 -13.62 21.68
N GLY B 30 3.10 -13.75 21.90
CA GLY B 30 2.22 -12.61 21.84
C GLY B 30 1.95 -12.12 20.44
N LEU B 31 2.39 -12.84 19.41
CA LEU B 31 2.17 -12.35 18.06
C LEU B 31 1.10 -13.18 17.36
N PRO B 32 0.28 -12.56 16.50
CA PRO B 32 -0.76 -13.32 15.79
C PRO B 32 -0.15 -14.25 14.75
N VAL B 33 -0.97 -15.15 14.23
CA VAL B 33 -0.58 -16.09 13.18
C VAL B 33 -1.34 -15.72 11.91
N LEU B 34 -0.72 -15.93 10.75
CA LEU B 34 -1.39 -15.69 9.47
C LEU B 34 -1.54 -17.00 8.71
N GLU B 35 -2.76 -17.31 8.26
CA GLU B 35 -3.03 -18.50 7.47
C GLU B 35 -3.51 -18.10 6.08
N LEU B 36 -2.98 -18.74 5.03
CA LEU B 36 -3.43 -18.49 3.67
C LEU B 36 -4.13 -19.73 3.10
N GLY B 37 -5.32 -19.52 2.55
CA GLY B 37 -6.08 -20.58 1.90
C GLY B 37 -6.67 -21.61 2.85
N PRO B 38 -7.46 -21.17 3.84
CA PRO B 38 -7.95 -22.13 4.85
C PRO B 38 -8.91 -23.20 4.34
N GLY B 39 -9.65 -22.96 3.25
CA GLY B 39 -10.43 -24.04 2.67
C GLY B 39 -11.51 -24.52 3.63
N THR B 40 -11.53 -25.84 3.90
CA THR B 40 -12.51 -26.42 4.82
C THR B 40 -12.11 -26.28 6.28
N GLY B 41 -10.93 -25.74 6.58
CA GLY B 41 -10.55 -25.44 7.95
C GLY B 41 -9.74 -26.51 8.66
N VAL B 42 -9.22 -27.52 7.96
CA VAL B 42 -8.48 -28.56 8.66
C VAL B 42 -7.19 -27.99 9.25
N ILE B 43 -6.53 -27.07 8.54
CA ILE B 43 -5.32 -26.44 9.09
C ILE B 43 -5.69 -25.40 10.13
N THR B 44 -6.82 -24.71 9.94
CA THR B 44 -7.31 -23.78 10.96
C THR B 44 -7.46 -24.49 12.29
N LYS B 45 -8.07 -25.68 12.25
CA LYS B 45 -8.29 -26.49 13.44
C LYS B 45 -6.97 -26.85 14.12
N ALA B 46 -5.94 -27.17 13.33
CA ALA B 46 -4.65 -27.52 13.90
C ALA B 46 -3.90 -26.30 14.45
N ILE B 47 -4.05 -25.13 13.82
CA ILE B 47 -3.49 -23.90 14.40
C ILE B 47 -4.12 -23.60 15.75
N LEU B 48 -5.45 -23.65 15.82
CA LEU B 48 -6.14 -23.39 17.07
C LEU B 48 -5.79 -24.43 18.14
N ALA B 49 -5.53 -25.67 17.75
CA ALA B 49 -5.15 -26.70 18.71
C ALA B 49 -3.80 -26.42 19.36
N ARG B 50 -2.99 -25.51 18.80
CA ARG B 50 -1.77 -25.09 19.46
C ARG B 50 -2.03 -24.15 20.63
N GLY B 51 -3.29 -23.80 20.91
CA GLY B 51 -3.57 -22.85 21.98
C GLY B 51 -3.53 -21.40 21.58
N ILE B 52 -3.61 -21.11 20.27
CA ILE B 52 -3.70 -19.74 19.79
C ILE B 52 -5.10 -19.20 20.10
N LYS B 53 -5.16 -18.02 20.68
CA LYS B 53 -6.44 -17.34 20.84
C LYS B 53 -7.07 -17.13 19.47
N PRO B 54 -8.37 -17.44 19.29
CA PRO B 54 -8.96 -17.36 17.93
C PRO B 54 -8.83 -15.99 17.29
N GLU B 55 -9.05 -14.92 18.06
CA GLU B 55 -8.90 -13.56 17.55
C GLU B 55 -7.50 -13.28 17.03
N SER B 56 -6.49 -14.03 17.48
CA SER B 56 -5.12 -13.84 17.06
C SER B 56 -4.75 -14.61 15.79
N LEU B 57 -5.73 -15.26 15.14
CA LEU B 57 -5.51 -15.90 13.85
C LEU B 57 -6.17 -15.04 12.78
N THR B 58 -5.40 -14.63 11.77
CA THR B 58 -5.91 -14.03 10.54
C THR B 58 -5.77 -15.05 9.42
N ALA B 59 -6.84 -15.30 8.67
CA ALA B 59 -6.84 -16.28 7.60
C ALA B 59 -7.47 -15.67 6.35
N ILE B 60 -6.73 -15.66 5.24
CA ILE B 60 -7.20 -15.05 4.00
C ILE B 60 -7.67 -16.17 3.07
N GLU B 61 -8.94 -16.09 2.64
CA GLU B 61 -9.55 -17.14 1.82
C GLU B 61 -10.24 -16.54 0.59
N TYR B 62 -9.80 -16.95 -0.59
CA TYR B 62 -10.34 -16.41 -1.84
C TYR B 62 -11.80 -16.81 -2.07
N SER B 63 -12.16 -18.04 -1.75
CA SER B 63 -13.50 -18.57 -2.05
C SER B 63 -14.53 -18.04 -1.05
N THR B 64 -15.50 -17.28 -1.55
CA THR B 64 -16.57 -16.76 -0.69
C THR B 64 -17.37 -17.90 -0.07
N ASP B 65 -17.59 -18.97 -0.84
CA ASP B 65 -18.22 -20.19 -0.34
C ASP B 65 -17.51 -20.73 0.90
N PHE B 66 -16.21 -21.05 0.75
CA PHE B 66 -15.44 -21.57 1.87
C PHE B 66 -15.46 -20.60 3.05
N TYR B 67 -15.30 -19.32 2.75
CA TYR B 67 -15.25 -18.28 3.77
C TYR B 67 -16.54 -18.25 4.59
N ASN B 68 -17.70 -18.35 3.91
CA ASN B 68 -18.99 -18.29 4.61
C ASN B 68 -19.12 -19.43 5.61
N GLN B 69 -18.68 -20.62 5.22
CA GLN B 69 -18.77 -21.75 6.13
C GLN B 69 -17.80 -21.59 7.28
N LEU B 70 -16.58 -21.14 7.02
CA LEU B 70 -15.59 -20.94 8.06
C LEU B 70 -16.09 -19.97 9.12
N LEU B 71 -16.82 -18.91 8.71
CA LEU B 71 -17.35 -17.95 9.67
C LEU B 71 -18.27 -18.63 10.67
N ARG B 72 -18.94 -19.71 10.27
CA ARG B 72 -19.88 -20.37 11.16
C ARG B 72 -19.18 -21.31 12.12
N SER B 73 -18.13 -22.00 11.64
CA SER B 73 -17.45 -23.00 12.46
C SER B 73 -16.46 -22.38 13.43
N TYR B 74 -15.82 -21.29 13.04
CA TYR B 74 -14.77 -20.66 13.85
C TYR B 74 -15.06 -19.17 13.97
N PRO B 75 -16.10 -18.80 14.71
CA PRO B 75 -16.52 -17.38 14.72
C PRO B 75 -15.51 -16.41 15.29
N GLY B 76 -14.64 -16.85 16.20
CA GLY B 76 -13.68 -15.91 16.75
C GLY B 76 -12.48 -15.56 15.88
N VAL B 77 -12.26 -16.28 14.77
CA VAL B 77 -11.10 -16.06 13.91
C VAL B 77 -11.31 -14.87 12.98
N ASN B 78 -10.22 -14.16 12.68
CA ASN B 78 -10.27 -12.99 11.78
C ASN B 78 -10.13 -13.46 10.34
N PHE B 79 -11.25 -13.91 9.76
CA PHE B 79 -11.25 -14.32 8.35
C PHE B 79 -11.41 -13.10 7.43
N VAL B 80 -10.72 -13.15 6.29
CA VAL B 80 -10.80 -12.13 5.25
C VAL B 80 -11.08 -12.84 3.92
N ASN B 81 -12.13 -12.41 3.21
CA ASN B 81 -12.46 -12.99 1.91
C ASN B 81 -11.73 -12.18 0.84
N GLY B 82 -10.64 -12.71 0.30
CA GLY B 82 -9.79 -11.93 -0.59
C GLY B 82 -8.63 -12.72 -1.15
N ASP B 83 -7.77 -12.01 -1.87
CA ASP B 83 -6.63 -12.57 -2.59
C ASP B 83 -5.37 -12.42 -1.73
N ALA B 84 -4.70 -13.54 -1.44
CA ALA B 84 -3.49 -13.46 -0.62
C ALA B 84 -2.35 -12.72 -1.32
N PHE B 85 -2.37 -12.65 -2.66
CA PHE B 85 -1.31 -11.92 -3.35
C PHE B 85 -1.44 -10.41 -3.19
N ASP B 86 -2.61 -9.93 -2.78
CA ASP B 86 -2.88 -8.52 -2.54
C ASP B 86 -2.89 -8.27 -1.04
N LEU B 87 -1.71 -8.24 -0.44
CA LEU B 87 -1.64 -8.09 1.02
C LEU B 87 -2.15 -6.73 1.47
N ASP B 88 -1.99 -5.70 0.63
CA ASP B 88 -2.45 -4.37 1.01
C ASP B 88 -3.97 -4.33 1.12
N ALA B 89 -4.68 -5.01 0.22
CA ALA B 89 -6.14 -5.04 0.30
C ALA B 89 -6.61 -5.91 1.47
N THR B 90 -5.92 -7.02 1.76
CA THR B 90 -6.48 -7.95 2.74
C THR B 90 -6.00 -7.71 4.16
N LEU B 91 -4.78 -7.22 4.34
CA LEU B 91 -4.26 -6.91 5.66
C LEU B 91 -4.17 -5.41 5.95
N GLY B 92 -4.22 -4.57 4.92
CA GLY B 92 -3.88 -3.17 5.07
C GLY B 92 -2.42 -2.90 4.76
N GLU B 93 -2.10 -1.62 4.66
CA GLU B 93 -0.72 -1.22 4.43
C GLU B 93 0.16 -1.59 5.62
N HIS B 94 1.35 -2.09 5.33
CA HIS B 94 2.26 -2.51 6.39
C HIS B 94 2.79 -1.28 7.13
N LYS B 95 2.39 -1.14 8.39
CA LYS B 95 2.96 -0.16 9.29
C LYS B 95 3.61 -0.85 10.49
N GLY B 96 4.07 -2.10 10.27
CA GLY B 96 4.85 -2.82 11.25
C GLY B 96 4.19 -4.03 11.88
N GLN B 97 3.00 -4.44 11.42
CA GLN B 97 2.35 -5.62 11.97
C GLN B 97 3.21 -6.85 11.74
N MET B 98 3.36 -7.64 12.80
CA MET B 98 4.23 -8.81 12.80
C MET B 98 3.43 -10.05 13.16
N PHE B 99 3.59 -11.11 12.37
CA PHE B 99 3.01 -12.40 12.68
C PHE B 99 4.08 -13.33 13.24
N ASP B 100 3.65 -14.25 14.11
CA ASP B 100 4.57 -15.25 14.64
C ASP B 100 5.15 -16.13 13.53
N SER B 101 4.33 -16.43 12.52
CA SER B 101 4.66 -17.36 11.45
C SER B 101 3.50 -17.29 10.47
N VAL B 102 3.72 -17.83 9.28
CA VAL B 102 2.73 -17.85 8.21
C VAL B 102 2.56 -19.28 7.75
N ILE B 103 1.30 -19.75 7.70
CA ILE B 103 0.97 -21.12 7.31
C ILE B 103 0.18 -21.02 6.00
N SER B 104 0.76 -21.45 4.89
CA SER B 104 0.19 -21.16 3.58
C SER B 104 -0.20 -22.43 2.84
N ALA B 105 -1.46 -22.49 2.37
CA ALA B 105 -1.86 -23.52 1.42
C ALA B 105 -2.32 -22.93 0.08
N VAL B 106 -1.92 -21.71 -0.26
CA VAL B 106 -2.35 -21.18 -1.56
C VAL B 106 -1.70 -22.00 -2.68
N PRO B 107 -2.45 -22.33 -3.74
CA PRO B 107 -1.91 -23.28 -4.74
C PRO B 107 -0.86 -22.63 -5.63
N MET B 108 0.40 -22.74 -5.21
CA MET B 108 1.48 -21.96 -5.81
C MET B 108 1.59 -22.18 -7.32
N LEU B 109 1.25 -23.36 -7.81
CA LEU B 109 1.41 -23.68 -9.22
C LEU B 109 0.43 -22.92 -10.12
N ASN B 110 -0.58 -22.28 -9.55
CA ASN B 110 -1.53 -21.53 -10.36
C ASN B 110 -1.04 -20.12 -10.67
N PHE B 111 0.16 -19.75 -10.20
CA PHE B 111 0.66 -18.39 -10.35
C PHE B 111 2.06 -18.41 -10.93
N PRO B 112 2.41 -17.40 -11.74
CA PRO B 112 3.78 -17.34 -12.29
C PRO B 112 4.83 -17.28 -11.18
N MET B 113 5.99 -17.86 -11.48
CA MET B 113 7.07 -17.96 -10.48
C MET B 113 7.45 -16.59 -9.91
N ALA B 114 7.52 -15.56 -10.76
CA ALA B 114 7.91 -14.24 -10.27
C ALA B 114 6.91 -13.71 -9.26
N ALA B 115 5.63 -14.05 -9.39
CA ALA B 115 4.65 -13.59 -8.42
C ALA B 115 4.81 -14.35 -7.10
N ARG B 116 5.17 -15.63 -7.18
CA ARG B 116 5.43 -16.43 -5.97
C ARG B 116 6.59 -15.86 -5.16
N ILE B 117 7.68 -15.52 -5.86
CA ILE B 117 8.83 -14.93 -5.18
C ILE B 117 8.43 -13.63 -4.49
N LYS B 118 7.72 -12.76 -5.21
CA LYS B 118 7.36 -11.47 -4.62
C LYS B 118 6.44 -11.65 -3.41
N LEU B 119 5.49 -12.57 -3.51
CA LEU B 119 4.61 -12.83 -2.38
C LEU B 119 5.41 -13.32 -1.16
N LEU B 120 6.36 -14.24 -1.36
CA LEU B 120 7.17 -14.73 -0.24
C LEU B 120 8.01 -13.62 0.37
N ASP B 121 8.59 -12.77 -0.49
CA ASP B 121 9.37 -11.63 -0.01
C ASP B 121 8.51 -10.70 0.83
N GLU B 122 7.25 -10.47 0.41
CA GLU B 122 6.36 -9.61 1.18
C GLU B 122 5.97 -10.27 2.50
N LEU B 123 5.66 -11.57 2.48
CA LEU B 123 5.29 -12.28 3.71
C LEU B 123 6.42 -12.27 4.73
N LEU B 124 7.67 -12.50 4.27
CA LEU B 124 8.81 -12.46 5.17
C LEU B 124 9.07 -11.08 5.79
N LYS B 125 8.65 -10.00 5.12
CA LYS B 125 8.71 -8.68 5.75
C LYS B 125 7.80 -8.56 6.95
N ARG B 126 6.76 -9.40 7.05
CA ARG B 126 5.76 -9.32 8.11
C ARG B 126 5.93 -10.40 9.19
N VAL B 127 7.09 -11.06 9.27
CA VAL B 127 7.42 -11.87 10.44
C VAL B 127 8.81 -11.48 10.95
N PRO B 128 9.09 -11.74 12.23
CA PRO B 128 10.42 -11.42 12.75
C PRO B 128 11.50 -12.21 12.05
N HIS B 129 12.69 -11.59 11.92
CA HIS B 129 13.81 -12.21 11.24
C HIS B 129 14.09 -13.59 11.83
N GLY B 130 14.06 -14.60 10.98
CA GLY B 130 14.27 -15.96 11.43
C GLY B 130 13.00 -16.77 11.65
N ARG B 131 11.83 -16.15 11.68
CA ARG B 131 10.60 -16.94 11.77
C ARG B 131 10.16 -17.40 10.38
N PRO B 132 9.33 -18.48 10.28
CA PRO B 132 9.10 -19.11 8.98
C PRO B 132 7.78 -18.80 8.28
N VAL B 133 7.81 -18.96 6.96
CA VAL B 133 6.61 -19.21 6.15
C VAL B 133 6.63 -20.68 5.77
N VAL B 134 5.55 -21.41 6.06
CA VAL B 134 5.41 -22.82 5.73
C VAL B 134 4.48 -22.95 4.53
N GLN B 135 4.89 -23.73 3.53
CA GLN B 135 4.11 -23.87 2.29
C GLN B 135 3.91 -25.34 1.95
N ILE B 136 2.66 -25.71 1.59
CA ILE B 136 2.38 -27.06 1.12
C ILE B 136 2.45 -27.08 -0.41
N SER B 137 3.04 -28.14 -0.98
CA SER B 137 3.02 -28.34 -2.42
C SER B 137 3.11 -29.85 -2.69
N TYR B 138 3.18 -30.22 -3.96
CA TYR B 138 2.98 -31.61 -4.34
C TYR B 138 4.04 -32.20 -5.26
N GLY B 139 4.99 -31.40 -5.76
CA GLY B 139 6.02 -31.90 -6.64
C GLY B 139 7.33 -32.21 -5.93
N PRO B 140 8.35 -32.65 -6.68
CA PRO B 140 9.61 -33.04 -6.03
C PRO B 140 10.52 -31.87 -5.63
N ILE B 141 10.30 -30.64 -6.10
CA ILE B 141 11.18 -29.53 -5.75
C ILE B 141 10.38 -28.37 -5.18
N SER B 142 11.10 -27.43 -4.57
CA SER B 142 10.45 -26.28 -3.93
C SER B 142 9.55 -25.56 -4.93
N PRO B 143 8.30 -25.24 -4.56
CA PRO B 143 7.45 -24.47 -5.49
C PRO B 143 7.92 -23.04 -5.70
N ILE B 144 8.85 -22.56 -4.89
CA ILE B 144 9.43 -21.24 -5.03
C ILE B 144 10.94 -21.44 -5.23
N VAL B 145 11.46 -20.95 -6.35
CA VAL B 145 12.85 -21.22 -6.70
C VAL B 145 13.81 -20.46 -5.79
N ALA B 146 15.04 -20.96 -5.71
CA ALA B 146 16.05 -20.37 -4.84
C ALA B 146 16.31 -18.91 -5.22
N GLN B 147 16.38 -18.06 -4.19
CA GLN B 147 16.78 -16.66 -4.36
C GLN B 147 17.65 -16.35 -3.14
N PRO B 148 18.91 -16.75 -3.17
CA PRO B 148 19.72 -16.71 -1.93
C PRO B 148 19.82 -15.34 -1.30
N HIS B 149 19.55 -14.27 -2.05
CA HIS B 149 19.62 -12.94 -1.46
C HIS B 149 18.34 -12.55 -0.74
N LEU B 150 17.26 -13.33 -0.90
CA LEU B 150 15.99 -13.04 -0.24
C LEU B 150 15.63 -14.00 0.89
N TYR B 151 15.90 -15.31 0.75
CA TYR B 151 15.42 -16.29 1.73
C TYR B 151 16.21 -17.59 1.65
N HIS B 152 16.13 -18.35 2.74
CA HIS B 152 16.62 -19.72 2.84
C HIS B 152 15.47 -20.68 2.62
N ILE B 153 15.71 -21.73 1.84
CA ILE B 153 14.74 -22.81 1.63
C ILE B 153 15.15 -24.00 2.49
N ARG B 154 14.22 -24.54 3.27
CA ARG B 154 14.44 -25.77 4.02
C ARG B 154 13.30 -26.73 3.74
N HIS B 155 13.64 -27.94 3.29
CA HIS B 155 12.62 -28.98 3.18
C HIS B 155 12.21 -29.41 4.59
N PHE B 156 10.90 -29.49 4.82
CA PHE B 156 10.34 -29.71 6.14
C PHE B 156 9.88 -31.16 6.33
N ASP B 157 9.09 -31.69 5.40
CA ASP B 157 8.62 -33.06 5.50
C ASP B 157 8.06 -33.48 4.14
N PHE B 158 7.97 -34.79 3.94
CA PHE B 158 7.24 -35.35 2.80
C PHE B 158 6.28 -36.39 3.36
N ILE B 159 4.98 -36.09 3.30
CA ILE B 159 3.95 -36.87 3.99
C ILE B 159 3.25 -37.73 2.97
N VAL B 160 3.55 -39.03 2.96
CA VAL B 160 2.97 -39.90 1.95
C VAL B 160 1.51 -40.27 2.25
N ARG B 161 1.06 -40.11 3.49
CA ARG B 161 -0.34 -40.39 3.84
C ARG B 161 -1.25 -39.18 3.64
N ASN B 162 -1.00 -38.42 2.59
CA ASN B 162 -1.83 -37.30 2.20
C ASN B 162 -2.26 -37.60 0.78
N ILE B 163 -3.45 -37.13 0.41
CA ILE B 163 -3.95 -37.35 -0.94
C ILE B 163 -3.97 -36.04 -1.72
N PRO B 164 -3.02 -35.81 -2.65
CA PRO B 164 -1.87 -36.66 -2.96
C PRO B 164 -0.75 -36.40 -1.95
N PRO B 165 0.35 -37.16 -2.00
CA PRO B 165 1.44 -36.95 -1.04
C PRO B 165 1.86 -35.48 -0.99
N ALA B 166 2.08 -34.97 0.22
CA ALA B 166 2.26 -33.54 0.46
C ALA B 166 3.70 -33.21 0.82
N GLN B 167 4.29 -32.27 0.09
CA GLN B 167 5.58 -31.69 0.44
C GLN B 167 5.36 -30.45 1.30
N LEU B 168 6.16 -30.32 2.35
CA LEU B 168 6.13 -29.15 3.21
C LEU B 168 7.49 -28.48 3.15
N TRP B 169 7.48 -27.18 2.94
CA TRP B 169 8.69 -26.37 2.83
C TRP B 169 8.58 -25.20 3.80
N THR B 170 9.70 -24.79 4.40
CA THR B 170 9.71 -23.56 5.18
C THR B 170 10.71 -22.59 4.57
N TYR B 171 10.39 -21.30 4.63
CA TYR B 171 11.28 -20.25 4.15
C TYR B 171 11.51 -19.25 5.27
N THR B 172 12.76 -18.78 5.39
CA THR B 172 13.13 -17.75 6.37
C THR B 172 13.96 -16.68 5.67
N ARG B 173 14.02 -15.49 6.28
CA ARG B 173 14.74 -14.38 5.67
C ARG B 173 16.24 -14.65 5.65
N ALA B 174 16.87 -14.26 4.54
CA ALA B 174 18.32 -14.33 4.39
C ALA B 174 19.00 -13.07 4.97
N VAL C 11 -19.17 37.30 6.05
CA VAL C 11 -20.00 36.27 6.67
C VAL C 11 -19.70 34.93 6.04
N PRO C 12 -19.42 33.91 6.87
CA PRO C 12 -19.07 32.61 6.32
C PRO C 12 -20.26 31.98 5.62
N THR C 13 -19.96 31.26 4.54
CA THR C 13 -20.97 30.45 3.87
C THR C 13 -21.73 29.62 4.88
N SER C 14 -23.06 29.61 4.77
CA SER C 14 -23.85 28.87 5.72
C SER C 14 -23.63 27.36 5.57
N SER C 15 -23.91 26.62 6.64
CA SER C 15 -23.62 25.19 6.63
C SER C 15 -24.49 24.44 5.62
N ILE C 16 -25.75 24.86 5.42
CA ILE C 16 -26.60 24.21 4.44
C ILE C 16 -26.05 24.41 3.03
N THR C 17 -25.60 25.62 2.69
CA THR C 17 -24.95 25.86 1.41
C THR C 17 -23.73 24.97 1.23
N ALA C 18 -22.91 24.87 2.27
CA ALA C 18 -21.70 24.05 2.18
C ALA C 18 -22.05 22.58 2.03
N LYS C 19 -23.09 22.13 2.72
CA LYS C 19 -23.50 20.73 2.60
C LYS C 19 -23.98 20.41 1.18
N LYS C 20 -24.75 21.33 0.57
CA LYS C 20 -25.22 21.10 -0.80
C LYS C 20 -24.06 21.06 -1.78
N MET C 21 -23.08 21.96 -1.63
CA MET C 21 -21.90 21.94 -2.51
C MET C 21 -21.14 20.63 -2.37
N ALA C 22 -20.92 20.20 -1.13
CA ALA C 22 -20.15 18.97 -0.92
C ALA C 22 -20.90 17.73 -1.37
N SER C 23 -22.23 17.80 -1.53
CA SER C 23 -22.99 16.60 -1.87
C SER C 23 -22.68 16.06 -3.27
N VAL C 24 -21.98 16.81 -4.14
CA VAL C 24 -21.64 16.26 -5.44
C VAL C 24 -20.57 15.19 -5.35
N ILE C 25 -19.82 15.15 -4.25
CA ILE C 25 -18.66 14.28 -4.13
C ILE C 25 -19.09 12.82 -4.03
N ASN C 26 -18.36 11.94 -4.72
CA ASN C 26 -18.54 10.50 -4.55
C ASN C 26 -17.41 9.97 -3.70
N PRO C 27 -17.62 9.77 -2.38
CA PRO C 27 -16.51 9.31 -1.52
C PRO C 27 -16.09 7.88 -1.77
N HIS C 28 -16.86 7.12 -2.55
CA HIS C 28 -16.49 5.75 -2.90
C HIS C 28 -15.80 5.63 -4.25
N SER C 29 -15.48 6.74 -4.91
CA SER C 29 -14.72 6.63 -6.15
C SER C 29 -13.25 6.33 -5.87
N GLY C 30 -12.76 6.67 -4.68
CA GLY C 30 -11.37 6.53 -4.36
C GLY C 30 -10.47 7.61 -4.93
N LEU C 31 -11.05 8.60 -5.69
CA LEU C 31 -10.28 9.71 -6.21
C LEU C 31 -10.25 10.86 -5.20
N PRO C 32 -9.19 11.66 -5.20
CA PRO C 32 -9.15 12.82 -4.29
C PRO C 32 -10.07 13.93 -4.79
N VAL C 33 -10.28 14.91 -3.92
CA VAL C 33 -11.13 16.06 -4.20
C VAL C 33 -10.27 17.32 -4.24
N LEU C 34 -10.62 18.25 -5.13
CA LEU C 34 -9.94 19.54 -5.25
C LEU C 34 -10.88 20.66 -4.81
N GLU C 35 -10.42 21.49 -3.86
CA GLU C 35 -11.17 22.64 -3.39
C GLU C 35 -10.42 23.93 -3.73
N LEU C 36 -11.15 24.95 -4.19
CA LEU C 36 -10.55 26.24 -4.53
C LEU C 36 -11.09 27.30 -3.59
N GLY C 37 -10.18 28.03 -2.94
CA GLY C 37 -10.55 29.12 -2.06
C GLY C 37 -11.24 28.72 -0.76
N PRO C 38 -10.59 27.89 0.06
CA PRO C 38 -11.26 27.41 1.28
C PRO C 38 -11.49 28.46 2.35
N GLY C 39 -10.71 29.56 2.39
CA GLY C 39 -11.05 30.66 3.28
C GLY C 39 -11.03 30.23 4.75
N THR C 40 -12.17 30.37 5.43
CA THR C 40 -12.27 29.97 6.83
C THR C 40 -12.45 28.47 7.02
N GLY C 41 -12.72 27.71 5.96
CA GLY C 41 -12.81 26.27 6.04
C GLY C 41 -14.20 25.71 6.22
N VAL C 42 -15.24 26.50 6.00
CA VAL C 42 -16.61 26.02 6.17
C VAL C 42 -16.92 24.93 5.16
N ILE C 43 -16.52 25.13 3.90
CA ILE C 43 -16.74 24.09 2.90
C ILE C 43 -15.77 22.93 3.10
N THR C 44 -14.54 23.22 3.57
CA THR C 44 -13.59 22.15 3.90
C THR C 44 -14.17 21.19 4.94
N LYS C 45 -14.85 21.74 5.94
CA LYS C 45 -15.51 20.91 6.95
C LYS C 45 -16.58 20.02 6.33
N ALA C 46 -17.35 20.55 5.39
CA ALA C 46 -18.40 19.76 4.74
C ALA C 46 -17.81 18.65 3.86
N ILE C 47 -16.67 18.88 3.24
CA ILE C 47 -16.04 17.89 2.38
C ILE C 47 -15.54 16.71 3.21
N LEU C 48 -14.90 17.01 4.34
CA LEU C 48 -14.46 15.95 5.25
C LEU C 48 -15.66 15.20 5.82
N ALA C 49 -16.79 15.90 6.06
CA ALA C 49 -17.99 15.24 6.56
C ALA C 49 -18.58 14.24 5.56
N ARG C 50 -18.18 14.30 4.29
CA ARG C 50 -18.53 13.23 3.35
C ARG C 50 -17.69 11.98 3.56
N GLY C 51 -16.74 11.99 4.47
CA GLY C 51 -15.88 10.84 4.65
C GLY C 51 -14.64 10.84 3.80
N ILE C 52 -14.38 11.93 3.09
CA ILE C 52 -13.12 12.07 2.39
C ILE C 52 -12.00 12.16 3.43
N LYS C 53 -10.97 11.32 3.27
CA LYS C 53 -9.86 11.41 4.20
C LYS C 53 -9.10 12.70 3.97
N PRO C 54 -8.58 13.33 5.03
CA PRO C 54 -7.91 14.63 4.84
C PRO C 54 -6.82 14.60 3.80
N GLU C 55 -5.96 13.59 3.79
CA GLU C 55 -4.88 13.52 2.81
C GLU C 55 -5.40 13.50 1.37
N SER C 56 -6.65 13.09 1.16
CA SER C 56 -7.24 13.04 -0.16
C SER C 56 -7.94 14.34 -0.55
N LEU C 57 -7.77 15.41 0.21
CA LEU C 57 -8.35 16.71 -0.14
C LEU C 57 -7.21 17.68 -0.39
N THR C 58 -7.12 18.20 -1.63
CA THR C 58 -6.22 19.28 -1.97
C THR C 58 -7.02 20.57 -2.08
N ALA C 59 -6.58 21.60 -1.37
CA ALA C 59 -7.31 22.87 -1.33
C ALA C 59 -6.33 24.01 -1.60
N ILE C 60 -6.65 24.84 -2.60
CA ILE C 60 -5.76 25.91 -3.04
C ILE C 60 -6.26 27.24 -2.48
N GLU C 61 -5.42 27.90 -1.70
CA GLU C 61 -5.77 29.15 -1.04
C GLU C 61 -4.72 30.21 -1.33
N TYR C 62 -5.16 31.36 -1.81
CA TYR C 62 -4.25 32.43 -2.19
C TYR C 62 -3.69 33.16 -0.96
N SER C 63 -4.55 33.51 -0.01
CA SER C 63 -4.11 34.25 1.16
C SER C 63 -3.22 33.38 2.04
N THR C 64 -1.99 33.85 2.29
CA THR C 64 -1.08 33.13 3.19
C THR C 64 -1.61 33.13 4.62
N ASP C 65 -2.26 34.22 5.04
CA ASP C 65 -2.86 34.25 6.37
C ASP C 65 -3.89 33.14 6.52
N PHE C 66 -4.93 33.16 5.69
CA PHE C 66 -5.92 32.07 5.70
C PHE C 66 -5.26 30.71 5.58
N TYR C 67 -4.25 30.60 4.72
CA TYR C 67 -3.53 29.34 4.56
C TYR C 67 -2.93 28.87 5.88
N ASN C 68 -2.27 29.77 6.61
CA ASN C 68 -1.66 29.42 7.88
C ASN C 68 -2.69 28.95 8.90
N GLN C 69 -3.82 29.64 8.97
CA GLN C 69 -4.88 29.22 9.89
C GLN C 69 -5.45 27.85 9.49
N LEU C 70 -5.60 27.60 8.18
CA LEU C 70 -6.21 26.36 7.73
C LEU C 70 -5.35 25.17 8.13
N LEU C 71 -4.02 25.33 8.08
CA LEU C 71 -3.11 24.26 8.52
C LEU C 71 -3.31 23.91 9.98
N ARG C 72 -3.73 24.88 10.80
CA ARG C 72 -4.00 24.60 12.21
C ARG C 72 -5.37 23.99 12.42
N SER C 73 -6.39 24.48 11.70
CA SER C 73 -7.76 24.03 11.90
C SER C 73 -8.00 22.64 11.33
N TYR C 74 -7.29 22.27 10.27
CA TYR C 74 -7.55 21.01 9.54
C TYR C 74 -6.25 20.33 9.21
N PRO C 75 -5.57 19.77 10.20
CA PRO C 75 -4.31 19.07 9.93
C PRO C 75 -4.57 17.88 9.03
N GLY C 76 -3.58 17.55 8.20
CA GLY C 76 -3.69 16.44 7.29
C GLY C 76 -4.19 16.79 5.90
N VAL C 77 -4.97 17.87 5.76
CA VAL C 77 -5.46 18.30 4.45
C VAL C 77 -4.31 18.91 3.65
N ASN C 78 -4.28 18.59 2.35
CA ASN C 78 -3.20 19.07 1.48
C ASN C 78 -3.53 20.48 1.02
N PHE C 79 -3.36 21.44 1.92
CA PHE C 79 -3.51 22.84 1.58
C PHE C 79 -2.33 23.29 0.73
N VAL C 80 -2.61 24.13 -0.27
CA VAL C 80 -1.58 24.69 -1.13
C VAL C 80 -1.78 26.18 -1.15
N ASN C 81 -0.70 26.93 -0.91
CA ASN C 81 -0.74 28.38 -0.86
C ASN C 81 -0.36 28.90 -2.25
N GLY C 82 -1.34 29.46 -2.96
CA GLY C 82 -1.07 29.90 -4.32
C GLY C 82 -2.34 30.27 -5.06
N ASP C 83 -2.15 30.49 -6.36
CA ASP C 83 -3.17 31.02 -7.28
C ASP C 83 -3.83 29.88 -8.02
N ALA C 84 -5.16 29.74 -7.84
CA ALA C 84 -5.87 28.66 -8.53
C ALA C 84 -5.84 28.83 -10.05
N PHE C 85 -5.64 30.06 -10.55
CA PHE C 85 -5.56 30.28 -11.99
C PHE C 85 -4.23 29.82 -12.58
N ASP C 86 -3.25 29.45 -11.76
CA ASP C 86 -2.00 28.86 -12.22
C ASP C 86 -1.94 27.40 -11.74
N LEU C 87 -2.66 26.53 -12.43
CA LEU C 87 -2.76 25.14 -12.00
C LEU C 87 -1.42 24.40 -12.11
N ASP C 88 -0.63 24.71 -13.14
CA ASP C 88 0.66 24.04 -13.27
C ASP C 88 1.59 24.39 -12.13
N ALA C 89 1.61 25.66 -11.71
CA ALA C 89 2.42 26.05 -10.57
C ALA C 89 1.93 25.39 -9.28
N THR C 90 0.61 25.27 -9.10
CA THR C 90 0.08 24.83 -7.81
C THR C 90 -0.15 23.32 -7.74
N LEU C 91 -0.60 22.69 -8.82
CA LEU C 91 -0.81 21.25 -8.82
C LEU C 91 0.27 20.47 -9.55
N GLY C 92 1.16 21.14 -10.25
CA GLY C 92 2.02 20.48 -11.22
C GLY C 92 1.30 20.31 -12.55
N GLU C 93 2.10 20.00 -13.58
CA GLU C 93 1.52 19.76 -14.89
C GLU C 93 0.76 18.45 -14.91
N HIS C 94 -0.33 18.42 -15.69
CA HIS C 94 -1.23 17.27 -15.67
C HIS C 94 -0.55 16.04 -16.25
N LYS C 95 -0.32 15.05 -15.39
CA LYS C 95 0.29 13.79 -15.80
C LYS C 95 -0.69 12.63 -15.82
N GLY C 96 -1.95 12.90 -15.49
CA GLY C 96 -2.98 11.88 -15.48
C GLY C 96 -3.64 11.71 -14.12
N GLN C 97 -3.34 12.59 -13.17
CA GLN C 97 -4.00 12.54 -11.87
C GLN C 97 -5.41 13.11 -12.00
N MET C 98 -6.40 12.27 -11.69
CA MET C 98 -7.81 12.64 -11.75
C MET C 98 -8.32 13.01 -10.37
N PHE C 99 -9.16 14.04 -10.30
CA PHE C 99 -9.92 14.36 -9.09
C PHE C 99 -11.34 13.87 -9.26
N ASP C 100 -11.98 13.54 -8.14
CA ASP C 100 -13.37 13.11 -8.19
C ASP C 100 -14.28 14.23 -8.67
N SER C 101 -13.99 15.46 -8.25
CA SER C 101 -14.82 16.63 -8.52
C SER C 101 -14.05 17.83 -7.97
N VAL C 102 -14.49 19.03 -8.37
CA VAL C 102 -13.89 20.27 -7.92
C VAL C 102 -14.96 21.13 -7.26
N ILE C 103 -14.64 21.68 -6.08
CA ILE C 103 -15.55 22.55 -5.34
C ILE C 103 -14.88 23.92 -5.23
N SER C 104 -15.49 24.95 -5.82
CA SER C 104 -14.82 26.23 -5.99
C SER C 104 -15.62 27.37 -5.37
N ALA C 105 -14.96 28.15 -4.51
CA ALA C 105 -15.53 29.38 -3.98
C ALA C 105 -14.70 30.60 -4.37
N VAL C 106 -13.76 30.44 -5.29
CA VAL C 106 -12.95 31.56 -5.80
C VAL C 106 -13.86 32.53 -6.54
N PRO C 107 -13.86 33.83 -6.20
CA PRO C 107 -14.88 34.73 -6.78
C PRO C 107 -14.63 35.11 -8.23
N MET C 108 -13.38 35.18 -8.69
CA MET C 108 -13.02 35.33 -10.10
C MET C 108 -13.23 36.74 -10.68
N LEU C 109 -13.83 37.66 -9.91
CA LEU C 109 -14.28 38.90 -10.54
C LEU C 109 -13.13 39.79 -10.97
N ASN C 110 -11.94 39.59 -10.41
CA ASN C 110 -10.75 40.32 -10.84
C ASN C 110 -10.09 39.74 -12.08
N PHE C 111 -10.67 38.68 -12.69
CA PHE C 111 -10.06 38.03 -13.83
C PHE C 111 -10.92 38.21 -15.07
N PRO C 112 -10.30 38.43 -16.25
CA PRO C 112 -11.10 38.55 -17.48
C PRO C 112 -11.88 37.27 -17.71
N MET C 113 -13.03 37.40 -18.38
CA MET C 113 -13.84 36.22 -18.66
C MET C 113 -13.07 35.16 -19.43
N ALA C 114 -12.23 35.59 -20.38
CA ALA C 114 -11.44 34.63 -21.15
C ALA C 114 -10.57 33.76 -20.25
N ALA C 115 -10.07 34.33 -19.15
CA ALA C 115 -9.25 33.56 -18.23
C ALA C 115 -10.10 32.59 -17.39
N ARG C 116 -11.31 32.99 -17.02
CA ARG C 116 -12.22 32.09 -16.31
C ARG C 116 -12.61 30.91 -17.17
N ILE C 117 -12.88 31.15 -18.46
CA ILE C 117 -13.25 30.05 -19.35
C ILE C 117 -12.10 29.07 -19.46
N LYS C 118 -10.87 29.57 -19.57
CA LYS C 118 -9.71 28.70 -19.74
C LYS C 118 -9.43 27.88 -18.48
N LEU C 119 -9.56 28.50 -17.30
CA LEU C 119 -9.41 27.74 -16.05
C LEU C 119 -10.42 26.59 -15.99
N LEU C 120 -11.69 26.89 -16.26
CA LEU C 120 -12.72 25.85 -16.22
C LEU C 120 -12.44 24.75 -17.24
N ASP C 121 -12.05 25.12 -18.47
CA ASP C 121 -11.70 24.11 -19.46
C ASP C 121 -10.56 23.22 -18.97
N GLU C 122 -9.57 23.80 -18.29
CA GLU C 122 -8.45 23.00 -17.78
C GLU C 122 -8.85 22.16 -16.57
N LEU C 123 -9.73 22.70 -15.70
CA LEU C 123 -10.21 21.91 -14.56
C LEU C 123 -10.96 20.67 -15.03
N LEU C 124 -11.77 20.82 -16.08
CA LEU C 124 -12.55 19.70 -16.58
C LEU C 124 -11.69 18.64 -17.26
N LYS C 125 -10.42 18.93 -17.55
CA LYS C 125 -9.50 17.89 -17.98
C LYS C 125 -8.93 17.08 -16.82
N ARG C 126 -9.14 17.51 -15.58
CA ARG C 126 -8.60 16.82 -14.42
C ARG C 126 -9.65 16.04 -13.64
N VAL C 127 -10.87 15.92 -14.19
CA VAL C 127 -11.89 15.06 -13.59
C VAL C 127 -12.41 14.12 -14.68
N PRO C 128 -12.94 12.95 -14.33
CA PRO C 128 -13.53 12.06 -15.34
C PRO C 128 -14.70 12.73 -16.06
N HIS C 129 -14.94 12.28 -17.29
CA HIS C 129 -15.99 12.85 -18.11
C HIS C 129 -17.34 12.72 -17.42
N GLY C 130 -18.05 13.83 -17.30
CA GLY C 130 -19.34 13.86 -16.63
C GLY C 130 -19.27 14.27 -15.17
N ARG C 131 -18.06 14.40 -14.58
CA ARG C 131 -17.96 14.82 -13.19
C ARG C 131 -17.90 16.34 -13.12
N PRO C 132 -18.37 16.95 -12.03
CA PRO C 132 -18.61 18.38 -12.04
C PRO C 132 -17.52 19.24 -11.41
N VAL C 133 -17.49 20.50 -11.85
CA VAL C 133 -16.98 21.61 -11.07
C VAL C 133 -18.20 22.34 -10.51
N VAL C 134 -18.26 22.50 -9.18
CA VAL C 134 -19.34 23.24 -8.52
C VAL C 134 -18.81 24.61 -8.14
N GLN C 135 -19.61 25.65 -8.37
CA GLN C 135 -19.17 27.03 -8.15
C GLN C 135 -20.29 27.83 -7.49
N ILE C 136 -19.94 28.66 -6.51
CA ILE C 136 -20.87 29.54 -5.80
C ILE C 136 -20.81 30.95 -6.38
N SER C 137 -21.98 31.58 -6.51
CA SER C 137 -22.11 32.99 -6.88
C SER C 137 -23.23 33.62 -6.04
N TYR C 138 -23.47 34.91 -6.25
CA TYR C 138 -24.39 35.63 -5.35
C TYR C 138 -25.44 36.44 -6.08
N GLY C 139 -25.66 36.16 -7.35
CA GLY C 139 -26.75 36.77 -8.08
C GLY C 139 -27.12 35.88 -9.23
N PRO C 140 -27.89 36.40 -10.17
CA PRO C 140 -28.34 35.57 -11.29
C PRO C 140 -27.36 35.53 -12.46
N ILE C 141 -26.07 35.68 -12.19
CA ILE C 141 -25.02 35.72 -13.22
C ILE C 141 -24.02 34.62 -12.90
N SER C 142 -23.89 33.64 -13.79
CA SER C 142 -22.87 32.62 -13.55
C SER C 142 -21.50 33.26 -13.64
N PRO C 143 -20.57 32.91 -12.75
CA PRO C 143 -19.25 33.56 -12.79
C PRO C 143 -18.48 33.28 -14.07
N ILE C 144 -18.75 32.14 -14.71
CA ILE C 144 -18.17 31.80 -15.99
C ILE C 144 -19.30 31.66 -16.99
N VAL C 145 -19.20 32.39 -18.10
CA VAL C 145 -20.29 32.44 -19.05
C VAL C 145 -20.46 31.07 -19.74
N ALA C 146 -21.69 30.78 -20.17
CA ALA C 146 -21.94 29.57 -20.94
C ALA C 146 -21.06 29.51 -22.18
N GLN C 147 -20.48 28.34 -22.41
CA GLN C 147 -19.73 28.04 -23.64
C GLN C 147 -20.10 26.62 -24.04
N PRO C 148 -21.26 26.44 -24.67
CA PRO C 148 -21.82 25.09 -24.85
C PRO C 148 -20.94 24.15 -25.66
N HIS C 149 -19.97 24.66 -26.43
CA HIS C 149 -19.04 23.78 -27.14
C HIS C 149 -17.94 23.23 -26.23
N LEU C 150 -17.84 23.72 -25.00
CA LEU C 150 -16.87 23.23 -24.02
C LEU C 150 -17.51 22.54 -22.82
N TYR C 151 -18.65 23.02 -22.34
CA TYR C 151 -19.23 22.49 -21.11
C TYR C 151 -20.69 22.92 -21.04
N HIS C 152 -21.42 22.26 -20.14
CA HIS C 152 -22.81 22.59 -19.80
C HIS C 152 -22.86 23.24 -18.43
N ILE C 153 -23.64 24.30 -18.31
CA ILE C 153 -23.90 24.91 -17.00
C ILE C 153 -25.28 24.50 -16.54
N ARG C 154 -25.35 23.78 -15.43
CA ARG C 154 -26.60 23.47 -14.78
C ARG C 154 -26.80 24.38 -13.58
N HIS C 155 -28.06 24.74 -13.32
CA HIS C 155 -28.40 25.45 -12.10
C HIS C 155 -28.54 24.40 -11.00
N PHE C 156 -27.58 24.36 -10.09
CA PHE C 156 -27.55 23.30 -9.08
C PHE C 156 -28.54 23.58 -7.94
N ASP C 157 -28.60 24.82 -7.48
CA ASP C 157 -29.56 25.18 -6.44
C ASP C 157 -29.52 26.69 -6.22
N PHE C 158 -30.51 27.17 -5.47
CA PHE C 158 -30.60 28.54 -4.96
C PHE C 158 -30.83 28.39 -3.46
N ILE C 159 -29.94 28.95 -2.64
CA ILE C 159 -29.97 28.78 -1.19
C ILE C 159 -30.32 30.14 -0.59
N VAL C 160 -31.60 30.33 -0.23
CA VAL C 160 -32.01 31.63 0.32
C VAL C 160 -31.47 31.83 1.73
N ARG C 161 -31.21 30.75 2.48
CA ARG C 161 -30.74 30.92 3.85
C ARG C 161 -29.32 31.51 3.92
N ASN C 162 -28.55 31.46 2.83
CA ASN C 162 -27.20 32.01 2.84
C ASN C 162 -27.23 33.54 2.96
N ILE C 163 -26.15 34.10 3.50
CA ILE C 163 -26.04 35.56 3.58
C ILE C 163 -24.83 35.99 2.77
N PRO C 164 -25.02 36.63 1.60
CA PRO C 164 -26.31 36.86 0.94
C PRO C 164 -26.81 35.57 0.28
N PRO C 165 -28.05 35.54 -0.21
CA PRO C 165 -28.54 34.34 -0.91
C PRO C 165 -27.56 33.88 -1.98
N ALA C 166 -27.28 32.57 -2.00
CA ALA C 166 -26.26 31.98 -2.85
C ALA C 166 -26.86 31.22 -4.02
N GLN C 167 -26.27 31.41 -5.19
CA GLN C 167 -26.58 30.59 -6.36
C GLN C 167 -25.47 29.59 -6.56
N LEU C 168 -25.85 28.35 -6.86
CA LEU C 168 -24.90 27.24 -7.03
C LEU C 168 -25.00 26.73 -8.45
N TRP C 169 -23.85 26.63 -9.13
CA TRP C 169 -23.74 26.21 -10.53
C TRP C 169 -22.84 24.99 -10.63
N THR C 170 -23.18 24.04 -11.51
CA THR C 170 -22.26 22.96 -11.86
C THR C 170 -21.87 23.04 -13.33
N TYR C 171 -20.60 22.74 -13.60
CA TYR C 171 -20.03 22.73 -14.94
C TYR C 171 -19.53 21.33 -15.25
N THR C 172 -19.97 20.77 -16.39
CA THR C 172 -19.58 19.42 -16.78
C THR C 172 -19.23 19.40 -18.27
N ARG C 173 -18.31 18.52 -18.64
CA ARG C 173 -17.76 18.53 -19.99
C ARG C 173 -18.84 18.23 -21.01
N ALA C 174 -18.89 19.03 -22.07
CA ALA C 174 -19.86 18.80 -23.14
C ALA C 174 -19.39 17.63 -23.99
N VAL D 11 3.59 4.72 34.55
CA VAL D 11 4.33 3.69 35.27
C VAL D 11 5.70 3.47 34.62
N PRO D 12 6.74 3.39 35.44
CA PRO D 12 8.08 3.08 34.90
C PRO D 12 8.18 1.63 34.48
N THR D 13 9.06 1.39 33.51
CA THR D 13 9.36 0.04 33.07
C THR D 13 9.79 -0.83 34.24
N SER D 14 9.32 -2.07 34.27
CA SER D 14 9.67 -2.96 35.37
C SER D 14 11.14 -3.41 35.28
N SER D 15 11.66 -3.83 36.44
CA SER D 15 13.06 -4.23 36.54
C SER D 15 13.37 -5.45 35.68
N ILE D 16 12.43 -6.37 35.55
CA ILE D 16 12.66 -7.53 34.69
C ILE D 16 12.92 -7.08 33.26
N THR D 17 12.07 -6.18 32.77
CA THR D 17 12.21 -5.70 31.41
C THR D 17 13.53 -4.97 31.21
N ALA D 18 13.92 -4.13 32.17
CA ALA D 18 15.11 -3.32 32.01
C ALA D 18 16.36 -4.19 31.97
N LYS D 19 16.38 -5.24 32.79
CA LYS D 19 17.53 -6.13 32.77
C LYS D 19 17.65 -6.84 31.43
N LYS D 20 16.52 -7.29 30.87
CA LYS D 20 16.56 -7.95 29.55
C LYS D 20 17.06 -6.99 28.47
N MET D 21 16.59 -5.74 28.48
CA MET D 21 17.08 -4.74 27.53
C MET D 21 18.58 -4.54 27.67
N ALA D 22 19.08 -4.50 28.91
CA ALA D 22 20.49 -4.24 29.17
C ALA D 22 21.37 -5.45 28.90
N SER D 23 20.79 -6.63 28.70
CA SER D 23 21.61 -7.82 28.55
C SER D 23 22.31 -7.87 27.20
N VAL D 24 21.90 -7.06 26.23
CA VAL D 24 22.59 -7.03 24.94
C VAL D 24 23.98 -6.40 25.03
N ILE D 25 24.25 -5.63 26.08
CA ILE D 25 25.50 -4.86 26.17
C ILE D 25 26.69 -5.80 26.31
N ASN D 26 27.77 -5.47 25.60
CA ASN D 26 29.05 -6.14 25.80
C ASN D 26 29.93 -5.21 26.62
N PRO D 27 30.06 -5.41 27.93
CA PRO D 27 30.83 -4.45 28.76
C PRO D 27 32.33 -4.48 28.50
N HIS D 28 32.82 -5.40 27.66
CA HIS D 28 34.26 -5.50 27.40
C HIS D 28 34.63 -5.07 25.99
N SER D 29 33.69 -4.46 25.25
CA SER D 29 34.00 -4.02 23.90
C SER D 29 34.86 -2.77 23.85
N GLY D 30 35.03 -2.05 24.96
CA GLY D 30 35.76 -0.80 24.94
C GLY D 30 35.01 0.37 24.33
N LEU D 31 33.72 0.20 23.96
CA LEU D 31 32.88 1.26 23.42
C LEU D 31 31.84 1.71 24.44
N PRO D 32 31.47 2.98 24.43
CA PRO D 32 30.41 3.46 25.33
C PRO D 32 29.03 3.00 24.85
N VAL D 33 28.04 3.23 25.71
CA VAL D 33 26.65 2.81 25.46
C VAL D 33 25.78 4.05 25.30
N LEU D 34 24.85 3.99 24.35
CA LEU D 34 23.90 5.08 24.11
C LEU D 34 22.51 4.64 24.57
N GLU D 35 21.89 5.48 25.41
CA GLU D 35 20.53 5.28 25.90
C GLU D 35 19.64 6.42 25.44
N LEU D 36 18.44 6.10 24.97
CA LEU D 36 17.50 7.10 24.49
C LEU D 36 16.26 7.08 25.36
N GLY D 37 15.91 8.26 25.92
CA GLY D 37 14.75 8.42 26.76
C GLY D 37 14.84 7.77 28.13
N PRO D 38 15.83 8.14 28.95
CA PRO D 38 16.01 7.44 30.25
C PRO D 38 14.89 7.67 31.25
N GLY D 39 14.13 8.77 31.17
CA GLY D 39 12.96 8.94 32.04
C GLY D 39 13.33 8.97 33.51
N THR D 40 12.80 8.02 34.28
CA THR D 40 13.16 7.96 35.70
C THR D 40 14.47 7.24 35.95
N GLY D 41 15.05 6.60 34.94
CA GLY D 41 16.35 5.97 35.07
C GLY D 41 16.36 4.50 35.42
N VAL D 42 15.23 3.79 35.32
CA VAL D 42 15.24 2.38 35.67
C VAL D 42 16.12 1.59 34.70
N ILE D 43 16.17 1.98 33.43
CA ILE D 43 17.03 1.29 32.47
C ILE D 43 18.48 1.74 32.64
N THR D 44 18.70 3.04 32.91
CA THR D 44 20.03 3.52 33.29
C THR D 44 20.61 2.67 34.40
N LYS D 45 19.83 2.42 35.45
CA LYS D 45 20.30 1.59 36.56
C LYS D 45 20.72 0.20 36.08
N ALA D 46 19.95 -0.41 35.18
CA ALA D 46 20.28 -1.75 34.71
C ALA D 46 21.51 -1.73 33.80
N ILE D 47 21.74 -0.63 33.06
CA ILE D 47 22.95 -0.51 32.27
C ILE D 47 24.18 -0.40 33.18
N LEU D 48 24.10 0.45 34.20
CA LEU D 48 25.21 0.59 35.13
C LEU D 48 25.49 -0.72 35.87
N ALA D 49 24.45 -1.53 36.09
CA ALA D 49 24.64 -2.84 36.73
C ALA D 49 25.42 -3.84 35.87
N ARG D 50 25.59 -3.57 34.57
CA ARG D 50 26.42 -4.44 33.73
C ARG D 50 27.91 -4.22 33.92
N GLY D 51 28.31 -3.21 34.69
CA GLY D 51 29.70 -2.85 34.82
C GLY D 51 30.14 -1.72 33.92
N ILE D 52 29.20 -1.07 33.23
CA ILE D 52 29.53 0.09 32.41
C ILE D 52 29.87 1.26 33.32
N LYS D 53 31.01 1.88 33.08
CA LYS D 53 31.37 3.04 33.88
C LYS D 53 30.41 4.20 33.58
N PRO D 54 29.99 4.94 34.61
CA PRO D 54 29.05 6.06 34.38
C PRO D 54 29.44 6.98 33.24
N GLU D 55 30.72 7.33 33.12
CA GLU D 55 31.17 8.21 32.05
C GLU D 55 31.02 7.56 30.68
N SER D 56 30.98 6.24 30.62
CA SER D 56 30.81 5.53 29.36
C SER D 56 29.35 5.35 28.95
N LEU D 57 28.41 6.05 29.61
CA LEU D 57 27.00 5.98 29.24
C LEU D 57 26.52 7.36 28.84
N THR D 58 26.12 7.51 27.58
CA THR D 58 25.49 8.72 27.10
C THR D 58 23.99 8.46 26.97
N ALA D 59 23.18 9.31 27.61
CA ALA D 59 21.74 9.10 27.67
C ALA D 59 21.04 10.39 27.27
N ILE D 60 20.23 10.33 26.22
CA ILE D 60 19.60 11.51 25.63
C ILE D 60 18.14 11.60 26.11
N GLU D 61 17.80 12.71 26.76
CA GLU D 61 16.50 12.90 27.41
C GLU D 61 15.91 14.24 26.98
N TYR D 62 14.70 14.20 26.40
CA TYR D 62 14.07 15.42 25.89
C TYR D 62 13.44 16.25 27.00
N SER D 63 12.88 15.62 28.02
CA SER D 63 12.24 16.37 29.10
C SER D 63 13.29 17.04 29.98
N THR D 64 13.23 18.38 30.05
CA THR D 64 14.16 19.10 30.91
C THR D 64 13.98 18.72 32.38
N ASP D 65 12.73 18.47 32.81
CA ASP D 65 12.47 18.06 34.18
C ASP D 65 13.13 16.72 34.51
N PHE D 66 12.99 15.73 33.62
CA PHE D 66 13.64 14.45 33.85
C PHE D 66 15.15 14.61 33.84
N TYR D 67 15.67 15.40 32.89
CA TYR D 67 17.11 15.59 32.78
C TYR D 67 17.70 16.17 34.06
N ASN D 68 17.10 17.24 34.57
CA ASN D 68 17.55 17.83 35.84
C ASN D 68 17.56 16.79 36.96
N GLN D 69 16.53 15.94 37.01
CA GLN D 69 16.46 14.94 38.09
C GLN D 69 17.50 13.84 37.90
N LEU D 70 17.72 13.39 36.67
CA LEU D 70 18.68 12.31 36.42
C LEU D 70 20.09 12.71 36.83
N LEU D 71 20.45 13.98 36.63
CA LEU D 71 21.79 14.45 37.02
C LEU D 71 22.04 14.26 38.50
N ARG D 72 20.99 14.35 39.32
CA ARG D 72 21.15 14.12 40.75
C ARG D 72 21.11 12.64 41.08
N SER D 73 20.27 11.88 40.37
CA SER D 73 20.11 10.46 40.70
C SER D 73 21.30 9.63 40.25
N TYR D 74 21.98 10.00 39.16
CA TYR D 74 23.05 9.20 38.59
C TYR D 74 24.23 10.09 38.19
N PRO D 75 25.01 10.55 39.18
CA PRO D 75 26.15 11.43 38.87
C PRO D 75 27.23 10.71 38.07
N GLY D 76 27.85 11.44 37.15
CA GLY D 76 28.87 10.91 36.29
C GLY D 76 28.36 10.44 34.93
N VAL D 77 27.09 10.01 34.88
CA VAL D 77 26.50 9.62 33.61
C VAL D 77 26.42 10.83 32.70
N ASN D 78 26.70 10.61 31.42
CA ASN D 78 26.73 11.70 30.43
C ASN D 78 25.33 11.92 29.86
N PHE D 79 24.46 12.51 30.69
CA PHE D 79 23.14 12.86 30.22
C PHE D 79 23.20 14.03 29.26
N VAL D 80 22.29 14.02 28.29
CA VAL D 80 22.14 15.11 27.32
C VAL D 80 20.67 15.48 27.25
N ASN D 81 20.38 16.77 27.34
CA ASN D 81 19.01 17.27 27.23
C ASN D 81 18.78 17.68 25.78
N GLY D 82 18.02 16.89 25.04
CA GLY D 82 17.81 17.18 23.63
C GLY D 82 16.89 16.17 22.99
N ASP D 83 16.76 16.31 21.67
CA ASP D 83 15.85 15.52 20.85
C ASP D 83 16.64 14.39 20.19
N ALA D 84 16.30 13.14 20.53
CA ALA D 84 17.03 12.01 19.98
C ALA D 84 16.91 11.94 18.46
N PHE D 85 15.82 12.48 17.89
CA PHE D 85 15.62 12.42 16.45
C PHE D 85 16.58 13.35 15.71
N ASP D 86 17.19 14.30 16.39
CA ASP D 86 18.20 15.19 15.82
C ASP D 86 19.57 14.82 16.37
N LEU D 87 20.09 13.68 15.89
CA LEU D 87 21.32 13.11 16.45
C LEU D 87 22.50 14.06 16.31
N ASP D 88 22.55 14.80 15.20
CA ASP D 88 23.67 15.73 15.01
C ASP D 88 23.65 16.83 16.06
N ALA D 89 22.47 17.36 16.38
CA ALA D 89 22.37 18.38 17.42
C ALA D 89 22.74 17.85 18.80
N THR D 90 22.44 16.58 19.07
CA THR D 90 22.61 16.05 20.42
C THR D 90 23.92 15.31 20.63
N LEU D 91 24.44 14.64 19.59
CA LEU D 91 25.70 13.93 19.68
C LEU D 91 26.85 14.59 18.93
N GLY D 92 26.55 15.53 18.04
CA GLY D 92 27.51 16.02 17.09
C GLY D 92 27.42 15.28 15.76
N GLU D 93 27.98 15.92 14.73
CA GLU D 93 28.09 15.25 13.44
C GLU D 93 28.89 13.95 13.60
N HIS D 94 28.56 12.95 12.80
CA HIS D 94 29.25 11.67 12.94
C HIS D 94 30.71 11.80 12.50
N LYS D 95 31.50 12.50 13.32
CA LYS D 95 32.90 12.13 13.48
C LYS D 95 32.89 10.82 14.28
N GLY D 96 33.65 9.84 13.81
CA GLY D 96 33.31 8.44 14.03
C GLY D 96 33.39 7.79 15.39
N GLN D 97 32.77 8.36 16.43
CA GLN D 97 32.68 7.66 17.71
C GLN D 97 31.61 6.59 17.61
N MET D 98 31.99 5.36 17.90
CA MET D 98 31.05 4.24 17.87
C MET D 98 30.55 3.93 19.27
N PHE D 99 29.33 3.39 19.33
CA PHE D 99 28.73 2.93 20.57
C PHE D 99 28.59 1.42 20.52
N ASP D 100 28.61 0.80 21.70
CA ASP D 100 28.54 -0.64 21.78
C ASP D 100 27.19 -1.17 21.32
N SER D 101 26.12 -0.41 21.62
CA SER D 101 24.73 -0.76 21.40
C SER D 101 23.89 0.46 21.78
N VAL D 102 22.65 0.49 21.33
CA VAL D 102 21.70 1.55 21.67
C VAL D 102 20.52 0.93 22.40
N ILE D 103 20.14 1.50 23.54
CA ILE D 103 19.02 1.04 24.34
C ILE D 103 17.96 2.14 24.29
N SER D 104 16.82 1.89 23.64
CA SER D 104 15.87 2.97 23.36
C SER D 104 14.51 2.69 24.00
N ALA D 105 14.02 3.68 24.76
CA ALA D 105 12.62 3.72 25.17
C ALA D 105 11.91 4.97 24.65
N VAL D 106 12.43 5.56 23.58
CA VAL D 106 11.75 6.71 22.97
C VAL D 106 10.36 6.26 22.48
N PRO D 107 9.30 7.04 22.71
CA PRO D 107 7.97 6.61 22.25
C PRO D 107 7.79 6.85 20.76
N MET D 108 8.11 5.83 19.95
CA MET D 108 8.23 6.02 18.51
C MET D 108 6.91 6.39 17.85
N LEU D 109 5.79 5.90 18.41
CA LEU D 109 4.47 6.09 17.82
C LEU D 109 4.03 7.55 17.78
N ASN D 110 4.74 8.44 18.46
CA ASN D 110 4.43 9.87 18.43
C ASN D 110 4.96 10.57 17.18
N PHE D 111 5.72 9.86 16.35
CA PHE D 111 6.44 10.46 15.23
C PHE D 111 6.08 9.75 13.93
N PRO D 112 6.20 10.45 12.80
CA PRO D 112 5.90 9.82 11.51
C PRO D 112 6.86 8.67 11.21
N MET D 113 6.35 7.67 10.48
CA MET D 113 7.16 6.49 10.20
C MET D 113 8.44 6.85 9.44
N ALA D 114 8.37 7.80 8.52
CA ALA D 114 9.57 8.22 7.80
C ALA D 114 10.65 8.67 8.77
N ALA D 115 10.27 9.48 9.77
CA ALA D 115 11.23 9.92 10.77
C ALA D 115 11.80 8.75 11.56
N ARG D 116 10.97 7.75 11.89
CA ARG D 116 11.46 6.61 12.64
C ARG D 116 12.49 5.81 11.85
N ILE D 117 12.22 5.59 10.56
CA ILE D 117 13.17 4.85 9.72
C ILE D 117 14.48 5.63 9.60
N LYS D 118 14.40 6.95 9.46
CA LYS D 118 15.62 7.75 9.34
C LYS D 118 16.45 7.68 10.63
N LEU D 119 15.81 7.86 11.79
CA LEU D 119 16.53 7.78 13.04
C LEU D 119 17.22 6.42 13.20
N LEU D 120 16.50 5.33 12.87
CA LEU D 120 17.08 3.99 13.00
C LEU D 120 18.28 3.80 12.09
N ASP D 121 18.19 4.27 10.85
CA ASP D 121 19.32 4.14 9.94
C ASP D 121 20.51 4.95 10.43
N GLU D 122 20.26 6.12 10.98
CA GLU D 122 21.33 6.93 11.55
C GLU D 122 21.95 6.26 12.79
N LEU D 123 21.11 5.75 13.70
CA LEU D 123 21.63 5.03 14.87
C LEU D 123 22.52 3.86 14.44
N LEU D 124 22.10 3.09 13.43
CA LEU D 124 22.88 1.93 13.04
C LEU D 124 24.21 2.30 12.40
N LYS D 125 24.37 3.53 11.93
CA LYS D 125 25.69 3.95 11.49
C LYS D 125 26.65 4.17 12.64
N ARG D 126 26.16 4.21 13.87
CA ARG D 126 26.97 4.56 15.03
C ARG D 126 27.23 3.37 15.95
N VAL D 127 26.89 2.17 15.52
CA VAL D 127 27.29 0.97 16.26
C VAL D 127 27.96 0.03 15.28
N PRO D 128 28.83 -0.86 15.76
CA PRO D 128 29.52 -1.76 14.83
C PRO D 128 28.55 -2.64 14.08
N HIS D 129 28.95 -2.99 12.86
CA HIS D 129 28.12 -3.85 12.02
C HIS D 129 27.77 -5.12 12.78
N GLY D 130 26.46 -5.39 12.92
CA GLY D 130 26.00 -6.54 13.67
C GLY D 130 25.63 -6.27 15.12
N ARG D 131 25.77 -5.06 15.59
CA ARG D 131 25.33 -4.76 16.95
C ARG D 131 23.95 -4.14 16.92
N PRO D 132 23.18 -4.23 18.04
CA PRO D 132 21.75 -3.91 17.99
C PRO D 132 21.38 -2.53 18.49
N VAL D 133 20.26 -2.01 18.00
CA VAL D 133 19.40 -1.05 18.69
C VAL D 133 18.27 -1.86 19.35
N VAL D 134 18.15 -1.79 20.66
CA VAL D 134 17.02 -2.42 21.35
C VAL D 134 15.92 -1.38 21.58
N GLN D 135 14.67 -1.78 21.32
CA GLN D 135 13.54 -0.86 21.39
C GLN D 135 12.37 -1.53 22.11
N ILE D 136 11.82 -0.86 23.13
CA ILE D 136 10.65 -1.37 23.83
C ILE D 136 9.40 -0.78 23.18
N SER D 137 8.37 -1.61 23.01
CA SER D 137 7.08 -1.10 22.55
C SER D 137 5.98 -1.99 23.16
N TYR D 138 4.74 -1.75 22.74
CA TYR D 138 3.58 -2.37 23.37
C TYR D 138 2.64 -2.85 22.27
N GLY D 139 2.23 -4.11 22.35
CA GLY D 139 1.35 -4.67 21.36
C GLY D 139 2.12 -5.36 20.26
N PRO D 140 1.42 -6.05 19.36
CA PRO D 140 2.09 -6.89 18.36
C PRO D 140 2.65 -6.15 17.15
N ILE D 141 2.60 -4.82 17.10
CA ILE D 141 3.04 -4.07 15.93
C ILE D 141 4.44 -3.53 16.19
N SER D 142 5.39 -3.83 15.30
CA SER D 142 6.72 -3.27 15.40
C SER D 142 6.63 -1.73 15.34
N PRO D 143 7.38 -1.00 16.16
CA PRO D 143 7.30 0.47 16.07
C PRO D 143 7.96 1.02 14.82
N ILE D 144 8.90 0.30 14.20
CA ILE D 144 9.47 0.70 12.92
C ILE D 144 9.18 -0.39 11.90
N VAL D 145 8.73 0.03 10.72
CA VAL D 145 8.37 -0.92 9.67
C VAL D 145 9.63 -1.61 9.14
N ALA D 146 9.46 -2.86 8.70
CA ALA D 146 10.59 -3.61 8.16
C ALA D 146 11.11 -2.96 6.88
N GLN D 147 12.42 -2.88 6.77
CA GLN D 147 13.11 -2.43 5.56
C GLN D 147 14.29 -3.35 5.36
N PRO D 148 14.05 -4.55 4.81
CA PRO D 148 15.09 -5.61 4.81
C PRO D 148 16.38 -5.22 4.15
N HIS D 149 16.41 -4.18 3.31
CA HIS D 149 17.66 -3.76 2.71
C HIS D 149 18.47 -2.87 3.64
N LEU D 150 17.87 -2.38 4.72
CA LEU D 150 18.52 -1.52 5.69
C LEU D 150 18.89 -2.25 6.97
N TYR D 151 17.97 -3.06 7.52
CA TYR D 151 18.16 -3.71 8.80
C TYR D 151 17.26 -4.93 8.89
N HIS D 152 17.53 -5.76 9.89
CA HIS D 152 16.71 -6.91 10.22
C HIS D 152 16.05 -6.69 11.57
N ILE D 153 14.74 -6.95 11.66
CA ILE D 153 13.99 -6.83 12.91
C ILE D 153 13.88 -8.20 13.57
N ARG D 154 14.45 -8.35 14.77
CA ARG D 154 14.34 -9.57 15.55
C ARG D 154 13.39 -9.35 16.72
N HIS D 155 12.57 -10.36 17.01
CA HIS D 155 11.74 -10.37 18.20
C HIS D 155 12.59 -10.86 19.36
N PHE D 156 12.83 -9.99 20.33
CA PHE D 156 13.80 -10.25 21.40
C PHE D 156 13.15 -10.87 22.63
N ASP D 157 11.97 -10.40 23.03
CA ASP D 157 11.27 -10.94 24.19
C ASP D 157 9.85 -10.39 24.26
N PHE D 158 9.01 -11.10 25.02
CA PHE D 158 7.64 -10.68 25.35
C PHE D 158 7.51 -10.85 26.86
N ILE D 159 7.25 -9.75 27.57
CA ILE D 159 7.31 -9.75 29.03
C ILE D 159 5.95 -9.29 29.55
N VAL D 160 5.11 -10.26 29.93
CA VAL D 160 3.75 -9.98 30.35
C VAL D 160 3.66 -9.38 31.75
N ARG D 161 4.73 -9.45 32.55
CA ARG D 161 4.72 -8.87 33.88
C ARG D 161 4.91 -7.36 33.87
N ASN D 162 5.44 -6.82 32.77
CA ASN D 162 5.57 -5.37 32.65
C ASN D 162 4.20 -4.71 32.64
N ILE D 163 4.15 -3.50 33.17
CA ILE D 163 2.91 -2.71 33.21
C ILE D 163 3.01 -1.54 32.23
N PRO D 164 2.40 -1.61 31.04
CA PRO D 164 1.65 -2.72 30.44
C PRO D 164 2.60 -3.74 29.78
N PRO D 165 2.09 -4.92 29.42
CA PRO D 165 2.95 -5.93 28.81
C PRO D 165 3.79 -5.37 27.67
N ALA D 166 5.07 -5.72 27.66
CA ALA D 166 6.07 -5.09 26.81
C ALA D 166 6.59 -6.07 25.78
N GLN D 167 6.76 -5.60 24.55
CA GLN D 167 7.47 -6.34 23.51
C GLN D 167 8.82 -5.67 23.27
N LEU D 168 9.88 -6.48 23.19
CA LEU D 168 11.23 -6.00 22.96
C LEU D 168 11.68 -6.42 21.57
N TRP D 169 12.25 -5.46 20.83
CA TRP D 169 12.71 -5.67 19.47
C TRP D 169 14.17 -5.25 19.35
N THR D 170 14.93 -5.95 18.50
CA THR D 170 16.25 -5.46 18.11
C THR D 170 16.28 -5.20 16.61
N TYR D 171 17.05 -4.18 16.23
CA TYR D 171 17.28 -3.83 14.84
C TYR D 171 18.78 -3.90 14.61
N THR D 172 19.19 -4.60 13.55
CA THR D 172 20.61 -4.72 13.26
C THR D 172 20.84 -4.53 11.77
N ARG D 173 21.98 -3.92 11.43
CA ARG D 173 22.33 -3.62 10.04
C ARG D 173 22.22 -4.86 9.18
N ALA D 174 21.53 -4.73 8.06
CA ALA D 174 21.31 -5.87 7.15
C ALA D 174 22.59 -6.30 6.43
#